data_7KRM
#
_entry.id   7KRM
#
_cell.length_a   189.872
_cell.length_b   189.872
_cell.length_c   71.981
_cell.angle_alpha   90.000
_cell.angle_beta   90.000
_cell.angle_gamma   120.000
#
_symmetry.space_group_name_H-M   'H 3'
#
loop_
_entity.id
_entity.type
_entity.pdbx_description
1 polymer '3-oxoacyl-[acyl-carrier-protein] reductase'
2 non-polymer NICOTINAMIDE-ADENINE-DINUCLEOTIDE
3 water water
#
_entity_poly.entity_id   1
_entity_poly.type   'polypeptide(L)'
_entity_poly.pdbx_seq_one_letter_code
;SMLLQGKVALITGAASERGIGRATAEIFAQQGAKVIIVDLDLAQSQNAAKALGEGHMGLAANVANEEQVKAAVEQALQHY
GKIDILINNAGITQPIKTLDIQRSDYDRVLDVSLRGTLIMSQAVIPSMKANGGGSIVCLSSVSAQRGGGIFGGPHYSAAK
AGVLGLAKAMAREFGGDQIRVNSLTPGLIQTDITGGLMNDDRRHDILAGIPLGRLGKAQDVANAALFLASDLSAYLTGVT
LDVNGGMLIH
;
_entity_poly.pdbx_strand_id   A,B,C,D
#
# COMPACT_ATOMS: atom_id res chain seq x y z
N MET A 2 -18.73 15.02 23.82
CA MET A 2 -18.37 16.20 22.98
C MET A 2 -16.91 16.11 22.54
N LEU A 3 -16.67 15.37 21.46
CA LEU A 3 -15.29 15.08 21.05
C LEU A 3 -14.54 16.33 20.62
N LEU A 4 -15.25 17.36 20.14
CA LEU A 4 -14.63 18.60 19.68
C LEU A 4 -14.98 19.79 20.56
N GLN A 5 -15.19 19.54 21.86
CA GLN A 5 -15.55 20.62 22.77
C GLN A 5 -14.48 21.71 22.76
N GLY A 6 -14.91 22.95 22.53
CA GLY A 6 -14.02 24.08 22.55
C GLY A 6 -13.15 24.26 21.32
N LYS A 7 -13.30 23.41 20.31
CA LYS A 7 -12.47 23.46 19.12
C LYS A 7 -13.10 24.36 18.06
N VAL A 8 -12.24 24.91 17.20
CA VAL A 8 -12.67 25.71 16.05
C VAL A 8 -12.22 24.97 14.79
N ALA A 9 -13.16 24.72 13.89
CA ALA A 9 -12.88 23.94 12.68
C ALA A 9 -13.30 24.74 11.45
N LEU A 10 -12.40 24.81 10.47
CA LEU A 10 -12.67 25.43 9.18
C LEU A 10 -12.85 24.32 8.15
N ILE A 11 -13.99 24.34 7.46
CA ILE A 11 -14.33 23.31 6.48
C ILE A 11 -14.60 24.00 5.15
N THR A 12 -13.84 23.63 4.13
CA THR A 12 -14.03 24.18 2.80
C THR A 12 -15.06 23.34 2.04
N GLY A 13 -15.83 24.02 1.18
CA GLY A 13 -16.81 23.34 0.37
C GLY A 13 -17.94 22.69 1.14
N ALA A 14 -18.37 23.30 2.24
CA ALA A 14 -19.40 22.73 3.09
C ALA A 14 -20.74 23.46 2.94
N ALA A 15 -20.94 24.18 1.84
CA ALA A 15 -22.18 24.92 1.64
C ALA A 15 -23.26 24.12 0.93
N SER A 16 -22.90 23.03 0.24
CA SER A 16 -23.90 22.23 -0.45
C SER A 16 -24.74 21.45 0.55
N GLU A 17 -26.02 21.28 0.20
CA GLU A 17 -26.97 20.72 1.16
C GLU A 17 -26.62 19.28 1.53
N ARG A 18 -26.35 18.45 0.52
CA ARG A 18 -26.19 17.01 0.73
C ARG A 18 -24.74 16.55 0.53
N GLY A 19 -23.78 17.48 0.61
CA GLY A 19 -22.39 17.14 0.40
C GLY A 19 -21.70 16.63 1.66
N ILE A 20 -20.50 16.10 1.46
CA ILE A 20 -19.70 15.61 2.58
C ILE A 20 -19.34 16.76 3.51
N GLY A 21 -19.03 17.92 2.94
CA GLY A 21 -18.62 19.05 3.76
C GLY A 21 -19.69 19.48 4.74
N ARG A 22 -20.93 19.60 4.26
CA ARG A 22 -22.02 20.00 5.15
C ARG A 22 -22.28 18.93 6.21
N ALA A 23 -22.26 17.66 5.82
CA ALA A 23 -22.43 16.59 6.79
C ALA A 23 -21.34 16.65 7.85
N THR A 24 -20.11 16.97 7.45
CA THR A 24 -19.02 17.12 8.40
C THR A 24 -19.25 18.31 9.32
N ALA A 25 -19.71 19.44 8.78
CA ALA A 25 -20.00 20.60 9.60
C ALA A 25 -21.06 20.28 10.65
N GLU A 26 -22.13 19.59 10.24
CA GLU A 26 -23.20 19.26 11.18
C GLU A 26 -22.68 18.37 12.30
N ILE A 27 -21.97 17.30 11.95
CA ILE A 27 -21.45 16.38 12.96
C ILE A 27 -20.44 17.11 13.85
N PHE A 28 -19.60 17.96 13.28
CA PHE A 28 -18.65 18.71 14.09
C PHE A 28 -19.36 19.64 15.06
N ALA A 29 -20.43 20.30 14.60
CA ALA A 29 -21.20 21.16 15.48
C ALA A 29 -21.86 20.36 16.60
N GLN A 30 -22.44 19.22 16.26
CA GLN A 30 -23.04 18.36 17.29
C GLN A 30 -22.02 17.96 18.34
N GLN A 31 -20.75 17.85 17.96
CA GLN A 31 -19.70 17.44 18.88
C GLN A 31 -19.04 18.63 19.60
N GLY A 32 -19.66 19.80 19.56
CA GLY A 32 -19.21 20.92 20.35
C GLY A 32 -18.30 21.90 19.65
N ALA A 33 -18.01 21.71 18.38
CA ALA A 33 -17.09 22.59 17.66
C ALA A 33 -17.83 23.80 17.12
N LYS A 34 -17.09 24.90 16.98
CA LYS A 34 -17.53 26.05 16.20
C LYS A 34 -16.94 25.92 14.80
N VAL A 35 -17.79 26.03 13.79
CA VAL A 35 -17.44 25.70 12.42
C VAL A 35 -17.40 26.97 11.58
N ILE A 36 -16.35 27.09 10.78
CA ILE A 36 -16.22 28.13 9.77
C ILE A 36 -16.39 27.45 8.42
N ILE A 37 -17.48 27.77 7.72
CA ILE A 37 -17.74 27.22 6.39
C ILE A 37 -17.19 28.19 5.36
N VAL A 38 -16.34 27.69 4.47
CA VAL A 38 -15.74 28.48 3.41
C VAL A 38 -16.16 27.85 2.08
N ASP A 39 -16.92 28.60 1.29
CA ASP A 39 -17.38 28.13 -0.01
C ASP A 39 -17.38 29.32 -0.97
N LEU A 40 -17.93 29.11 -2.17
CA LEU A 40 -17.85 30.12 -3.21
C LEU A 40 -18.84 31.26 -2.99
N ASP A 41 -20.04 30.96 -2.51
CA ASP A 41 -21.10 31.95 -2.37
C ASP A 41 -21.27 32.35 -0.91
N LEU A 42 -21.18 33.65 -0.64
CA LEU A 42 -21.27 34.13 0.73
C LEU A 42 -22.64 33.82 1.34
N ALA A 43 -23.71 34.05 0.58
CA ALA A 43 -25.05 33.82 1.12
C ALA A 43 -25.25 32.34 1.47
N GLN A 44 -24.88 31.44 0.57
CA GLN A 44 -25.02 30.01 0.84
C GLN A 44 -24.22 29.60 2.06
N SER A 45 -22.98 30.12 2.18
CA SER A 45 -22.13 29.73 3.31
C SER A 45 -22.69 30.26 4.62
N GLN A 46 -23.16 31.52 4.64
CA GLN A 46 -23.73 32.07 5.86
C GLN A 46 -24.98 31.32 6.27
N ASN A 47 -25.84 30.97 5.31
CA ASN A 47 -27.05 30.23 5.63
C ASN A 47 -26.72 28.84 6.15
N ALA A 48 -25.75 28.16 5.54
CA ALA A 48 -25.34 26.85 6.01
C ALA A 48 -24.81 26.92 7.44
N ALA A 49 -24.01 27.95 7.74
CA ALA A 49 -23.47 28.09 9.09
C ALA A 49 -24.56 28.39 10.10
N LYS A 50 -25.50 29.27 9.74
CA LYS A 50 -26.62 29.57 10.65
C LYS A 50 -27.47 28.32 10.89
N ALA A 51 -27.55 27.44 9.91
CA ALA A 51 -28.34 26.21 10.08
C ALA A 51 -27.69 25.27 11.09
N LEU A 52 -26.36 25.35 11.27
CA LEU A 52 -25.69 24.50 12.24
C LEU A 52 -26.13 24.83 13.66
N GLY A 53 -26.30 26.11 13.95
CA GLY A 53 -26.69 26.54 15.26
C GLY A 53 -26.21 27.97 15.49
N GLU A 54 -25.66 28.21 16.68
CA GLU A 54 -25.20 29.52 17.10
C GLU A 54 -23.68 29.52 17.27
N GLY A 55 -23.07 30.64 16.94
CA GLY A 55 -21.63 30.81 17.09
C GLY A 55 -20.80 30.39 15.91
N HIS A 56 -21.41 30.01 14.80
CA HIS A 56 -20.69 29.57 13.61
C HIS A 56 -20.54 30.72 12.63
N MET A 57 -19.76 30.48 11.58
CA MET A 57 -19.40 31.53 10.64
C MET A 57 -19.38 30.96 9.22
N GLY A 58 -19.90 31.74 8.28
CA GLY A 58 -19.83 31.41 6.87
C GLY A 58 -19.07 32.46 6.09
N LEU A 59 -18.08 32.03 5.31
CA LEU A 59 -17.24 32.95 4.56
C LEU A 59 -17.19 32.51 3.10
N ALA A 60 -16.85 33.46 2.23
CA ALA A 60 -16.78 33.22 0.79
C ALA A 60 -15.32 33.32 0.35
N ALA A 61 -14.85 32.30 -0.36
CA ALA A 61 -13.50 32.31 -0.89
C ALA A 61 -13.34 31.17 -1.88
N ASN A 62 -12.61 31.44 -2.96
CA ASN A 62 -12.17 30.39 -3.88
C ASN A 62 -10.83 29.85 -3.37
N VAL A 63 -10.80 28.57 -3.00
CA VAL A 63 -9.61 28.00 -2.38
C VAL A 63 -8.39 28.12 -3.28
N ALA A 64 -8.58 28.30 -4.58
CA ALA A 64 -7.48 28.46 -5.52
C ALA A 64 -7.06 29.91 -5.69
N ASN A 65 -7.62 30.82 -4.89
CA ASN A 65 -7.31 32.24 -4.97
C ASN A 65 -6.63 32.64 -3.66
N GLU A 66 -5.32 32.83 -3.70
CA GLU A 66 -4.54 33.03 -2.48
C GLU A 66 -5.07 34.18 -1.64
N GLU A 67 -5.34 35.33 -2.28
CA GLU A 67 -5.72 36.51 -1.52
C GLU A 67 -7.11 36.38 -0.91
N GLN A 68 -8.04 35.71 -1.58
CA GLN A 68 -9.35 35.48 -0.99
C GLN A 68 -9.26 34.54 0.20
N VAL A 69 -8.43 33.50 0.09
CA VAL A 69 -8.23 32.59 1.22
C VAL A 69 -7.61 33.32 2.39
N LYS A 70 -6.57 34.12 2.13
CA LYS A 70 -5.93 34.87 3.19
C LYS A 70 -6.92 35.80 3.89
N ALA A 71 -7.78 36.46 3.12
CA ALA A 71 -8.77 37.35 3.72
C ALA A 71 -9.75 36.57 4.60
N ALA A 72 -10.23 35.43 4.11
CA ALA A 72 -11.19 34.64 4.89
C ALA A 72 -10.55 34.08 6.16
N VAL A 73 -9.32 33.60 6.07
CA VAL A 73 -8.64 33.07 7.24
C VAL A 73 -8.32 34.19 8.22
N GLU A 74 -7.97 35.38 7.70
CA GLU A 74 -7.77 36.54 8.57
C GLU A 74 -9.05 36.86 9.34
N GLN A 75 -10.20 36.82 8.65
CA GLN A 75 -11.46 37.13 9.30
C GLN A 75 -11.85 36.08 10.32
N ALA A 76 -11.59 34.80 10.01
CA ALA A 76 -11.88 33.74 10.96
C ALA A 76 -11.01 33.85 12.21
N LEU A 77 -9.71 34.11 12.02
CA LEU A 77 -8.81 34.20 13.16
C LEU A 77 -9.10 35.44 14.00
N GLN A 78 -9.58 36.52 13.39
CA GLN A 78 -9.92 37.72 14.15
C GLN A 78 -11.08 37.46 15.11
N HIS A 79 -12.03 36.63 14.70
CA HIS A 79 -13.23 36.38 15.50
C HIS A 79 -13.01 35.27 16.51
N TYR A 80 -12.42 34.15 16.10
CA TYR A 80 -12.24 32.99 16.97
C TYR A 80 -10.88 32.94 17.65
N GLY A 81 -9.87 33.61 17.09
CA GLY A 81 -8.54 33.63 17.66
C GLY A 81 -7.73 32.37 17.45
N LYS A 82 -8.29 31.35 16.82
CA LYS A 82 -7.58 30.11 16.60
C LYS A 82 -8.36 29.27 15.60
N ILE A 83 -7.64 28.38 14.91
CA ILE A 83 -8.24 27.35 14.07
C ILE A 83 -7.58 26.04 14.48
N ASP A 84 -8.32 25.20 15.20
CA ASP A 84 -7.77 23.93 15.66
C ASP A 84 -7.79 22.86 14.58
N ILE A 85 -8.76 22.92 13.68
CA ILE A 85 -9.02 21.87 12.70
C ILE A 85 -9.23 22.50 11.34
N LEU A 86 -8.64 21.89 10.31
CA LEU A 86 -8.85 22.30 8.93
C LEU A 86 -9.27 21.07 8.13
N ILE A 87 -10.43 21.15 7.50
CA ILE A 87 -10.94 20.08 6.64
C ILE A 87 -10.89 20.60 5.20
N ASN A 88 -9.95 20.08 4.42
CA ASN A 88 -9.80 20.48 3.02
C ASN A 88 -10.72 19.63 2.16
N ASN A 89 -12.01 19.94 2.22
CA ASN A 89 -13.03 19.14 1.58
C ASN A 89 -13.40 19.63 0.19
N ALA A 90 -13.19 20.90 -0.11
CA ALA A 90 -13.53 21.45 -1.41
C ALA A 90 -12.87 20.64 -2.52
N GLY A 91 -13.64 20.34 -3.56
CA GLY A 91 -13.15 19.58 -4.70
C GLY A 91 -14.21 19.41 -5.76
N ILE A 92 -13.79 19.28 -7.02
CA ILE A 92 -14.69 19.02 -8.12
C ILE A 92 -14.19 17.81 -8.90
N THR A 93 -15.10 17.21 -9.66
CA THR A 93 -14.77 16.05 -10.48
C THR A 93 -15.33 16.26 -11.88
N GLN A 94 -14.79 15.49 -12.83
CA GLN A 94 -15.22 15.55 -14.22
C GLN A 94 -15.11 14.13 -14.79
N PRO A 95 -16.17 13.60 -15.40
CA PRO A 95 -16.09 12.26 -16.02
C PRO A 95 -15.66 12.33 -17.48
N ILE A 96 -14.37 12.59 -17.70
CA ILE A 96 -13.79 12.60 -19.04
C ILE A 96 -12.60 11.67 -19.06
N LYS A 97 -12.37 11.05 -20.22
CA LYS A 97 -11.32 10.06 -20.38
C LYS A 97 -9.99 10.73 -20.71
N THR A 98 -8.91 9.93 -20.63
CA THR A 98 -7.56 10.44 -20.76
C THR A 98 -7.39 11.35 -21.97
N LEU A 99 -7.76 10.87 -23.15
CA LEU A 99 -7.48 11.60 -24.37
C LEU A 99 -8.35 12.84 -24.56
N ASP A 100 -9.38 13.02 -23.73
CA ASP A 100 -10.27 14.17 -23.84
C ASP A 100 -9.96 15.26 -22.82
N ILE A 101 -8.96 15.05 -21.96
CA ILE A 101 -8.61 16.04 -20.94
C ILE A 101 -7.90 17.21 -21.61
N GLN A 102 -8.49 18.39 -21.53
CA GLN A 102 -7.90 19.61 -22.07
C GLN A 102 -7.20 20.37 -20.94
N ARG A 103 -6.40 21.37 -21.34
CA ARG A 103 -5.67 22.17 -20.37
C ARG A 103 -6.61 22.77 -19.34
N SER A 104 -7.77 23.29 -19.78
CA SER A 104 -8.71 23.91 -18.87
C SER A 104 -9.32 22.89 -17.91
N ASP A 105 -9.57 21.68 -18.39
CA ASP A 105 -10.08 20.62 -17.51
C ASP A 105 -9.06 20.28 -16.43
N TYR A 106 -7.81 20.03 -16.85
CA TYR A 106 -6.74 19.76 -15.91
C TYR A 106 -6.62 20.87 -14.87
N ASP A 107 -6.63 22.12 -15.32
CA ASP A 107 -6.46 23.25 -14.40
C ASP A 107 -7.59 23.33 -13.39
N ARG A 108 -8.84 23.21 -13.86
CA ARG A 108 -9.99 23.35 -12.97
C ARG A 108 -9.96 22.29 -11.87
N VAL A 109 -9.72 21.04 -12.24
CA VAL A 109 -9.78 19.96 -11.27
C VAL A 109 -8.60 20.01 -10.31
N LEU A 110 -7.40 20.21 -10.84
CA LEU A 110 -6.23 20.31 -9.97
C LEU A 110 -6.29 21.53 -9.05
N ASP A 111 -6.86 22.64 -9.54
CA ASP A 111 -6.86 23.87 -8.75
C ASP A 111 -7.68 23.73 -7.47
N VAL A 112 -8.87 23.11 -7.56
CA VAL A 112 -9.73 23.04 -6.39
C VAL A 112 -9.16 22.05 -5.37
N SER A 113 -8.78 20.86 -5.83
CA SER A 113 -8.34 19.82 -4.91
C SER A 113 -6.91 20.07 -4.44
N LEU A 114 -5.96 20.12 -5.37
CA LEU A 114 -4.55 20.14 -4.98
C LEU A 114 -4.08 21.54 -4.61
N ARG A 115 -4.20 22.50 -5.54
CA ARG A 115 -3.75 23.85 -5.22
C ARG A 115 -4.54 24.43 -4.05
N GLY A 116 -5.85 24.18 -4.03
CA GLY A 116 -6.67 24.67 -2.93
C GLY A 116 -6.26 24.10 -1.59
N THR A 117 -5.96 22.81 -1.55
CA THR A 117 -5.47 22.21 -0.30
C THR A 117 -4.16 22.84 0.14
N LEU A 118 -3.26 23.11 -0.81
CA LEU A 118 -2.00 23.76 -0.47
C LEU A 118 -2.24 25.19 0.03
N ILE A 119 -3.05 25.96 -0.71
CA ILE A 119 -3.26 27.37 -0.36
C ILE A 119 -3.93 27.48 1.01
N MET A 120 -4.97 26.68 1.24
CA MET A 120 -5.68 26.75 2.52
C MET A 120 -4.79 26.30 3.66
N SER A 121 -4.02 25.23 3.46
CA SER A 121 -3.10 24.76 4.50
C SER A 121 -2.04 25.82 4.78
N GLN A 122 -1.47 26.41 3.73
CA GLN A 122 -0.51 27.48 3.92
C GLN A 122 -1.08 28.62 4.76
N ALA A 123 -2.37 28.92 4.57
CA ALA A 123 -2.99 30.05 5.27
C ALA A 123 -3.26 29.75 6.73
N VAL A 124 -3.43 28.48 7.09
CA VAL A 124 -3.87 28.11 8.44
C VAL A 124 -2.68 27.63 9.28
N ILE A 125 -1.66 27.09 8.62
CA ILE A 125 -0.55 26.47 9.36
C ILE A 125 0.14 27.47 10.28
N PRO A 126 0.43 28.71 9.86
CA PRO A 126 1.10 29.64 10.78
C PRO A 126 0.38 29.80 12.11
N SER A 127 -0.96 29.93 12.10
CA SER A 127 -1.69 30.06 13.35
C SER A 127 -1.65 28.77 14.16
N MET A 128 -1.64 27.61 13.49
CA MET A 128 -1.56 26.35 14.21
C MET A 128 -0.20 26.20 14.89
N LYS A 129 0.87 26.63 14.24
CA LYS A 129 2.19 26.60 14.87
C LYS A 129 2.21 27.48 16.11
N ALA A 130 1.62 28.67 16.03
CA ALA A 130 1.62 29.59 17.16
C ALA A 130 0.69 29.11 18.28
N ASN A 131 -0.31 28.30 17.97
CA ASN A 131 -1.26 27.82 18.97
C ASN A 131 -0.87 26.45 19.53
N GLY A 132 0.26 25.89 19.11
CA GLY A 132 0.75 24.65 19.69
C GLY A 132 0.32 23.38 18.99
N GLY A 133 -0.37 23.48 17.86
CA GLY A 133 -0.71 22.30 17.10
C GLY A 133 -2.06 22.45 16.44
N GLY A 134 -2.45 21.38 15.75
CA GLY A 134 -3.72 21.36 15.05
C GLY A 134 -3.87 20.04 14.30
N SER A 135 -4.99 19.92 13.59
CA SER A 135 -5.28 18.72 12.81
C SER A 135 -5.80 19.14 11.45
N ILE A 136 -5.15 18.69 10.40
CA ILE A 136 -5.54 18.97 9.02
C ILE A 136 -5.99 17.65 8.39
N VAL A 137 -7.19 17.66 7.81
CA VAL A 137 -7.74 16.49 7.14
C VAL A 137 -7.92 16.85 5.68
N CYS A 138 -7.30 16.06 4.79
CA CYS A 138 -7.41 16.28 3.35
C CYS A 138 -8.32 15.22 2.74
N LEU A 139 -9.08 15.63 1.75
CA LEU A 139 -10.05 14.75 1.09
C LEU A 139 -9.41 14.23 -0.20
N SER A 140 -9.10 12.94 -0.23
CA SER A 140 -8.63 12.29 -1.44
C SER A 140 -9.76 11.47 -2.04
N SER A 141 -9.44 10.30 -2.58
CA SER A 141 -10.45 9.45 -3.19
C SER A 141 -9.85 8.07 -3.44
N VAL A 142 -10.71 7.05 -3.42
CA VAL A 142 -10.29 5.72 -3.82
C VAL A 142 -9.76 5.74 -5.25
N SER A 143 -10.25 6.69 -6.06
CA SER A 143 -9.76 6.80 -7.43
C SER A 143 -8.26 7.10 -7.47
N ALA A 144 -7.74 7.80 -6.47
CA ALA A 144 -6.30 8.05 -6.41
C ALA A 144 -5.51 6.78 -6.17
N GLN A 145 -6.13 5.75 -5.58
CA GLN A 145 -5.45 4.52 -5.21
C GLN A 145 -5.60 3.42 -6.25
N ARG A 146 -6.81 3.23 -6.77
CA ARG A 146 -7.10 2.13 -7.68
C ARG A 146 -7.02 2.53 -9.15
N GLY A 147 -6.82 3.81 -9.44
CA GLY A 147 -6.75 4.26 -10.82
C GLY A 147 -8.11 4.51 -11.41
N GLY A 148 -8.91 5.35 -10.76
CA GLY A 148 -10.19 5.75 -11.30
C GLY A 148 -11.14 4.57 -11.44
N GLY A 149 -11.89 4.57 -12.54
CA GLY A 149 -12.88 3.55 -12.78
C GLY A 149 -14.20 3.76 -12.07
N ILE A 150 -14.36 4.85 -11.33
CA ILE A 150 -15.59 5.11 -10.58
C ILE A 150 -16.40 6.15 -11.33
N PHE A 151 -15.89 7.38 -11.39
CA PHE A 151 -16.58 8.46 -12.09
C PHE A 151 -15.59 9.51 -12.56
N GLY A 152 -14.76 10.03 -11.66
CA GLY A 152 -13.79 11.04 -12.04
C GLY A 152 -12.74 10.48 -13.00
N GLY A 153 -12.33 11.32 -13.95
CA GLY A 153 -11.35 10.94 -14.93
C GLY A 153 -9.94 10.91 -14.35
N PRO A 154 -8.98 10.58 -15.22
CA PRO A 154 -7.58 10.46 -14.76
C PRO A 154 -7.03 11.71 -14.12
N HIS A 155 -7.44 12.90 -14.57
CA HIS A 155 -6.97 14.12 -13.92
C HIS A 155 -7.56 14.28 -12.53
N TYR A 156 -8.74 13.71 -12.28
CA TYR A 156 -9.27 13.67 -10.93
C TYR A 156 -8.49 12.68 -10.07
N SER A 157 -8.22 11.48 -10.61
CA SER A 157 -7.38 10.52 -9.89
C SER A 157 -6.02 11.13 -9.59
N ALA A 158 -5.44 11.87 -10.55
CA ALA A 158 -4.13 12.48 -10.34
C ALA A 158 -4.20 13.57 -9.27
N ALA A 159 -5.22 14.42 -9.33
CA ALA A 159 -5.34 15.49 -8.34
C ALA A 159 -5.47 14.93 -6.93
N LYS A 160 -6.32 13.91 -6.77
CA LYS A 160 -6.52 13.34 -5.44
C LYS A 160 -5.32 12.54 -4.97
N ALA A 161 -4.56 11.95 -5.90
CA ALA A 161 -3.29 11.33 -5.53
C ALA A 161 -2.27 12.38 -5.11
N GLY A 162 -2.22 13.51 -5.82
CA GLY A 162 -1.37 14.60 -5.40
C GLY A 162 -1.70 15.10 -4.00
N VAL A 163 -2.98 15.13 -3.66
CA VAL A 163 -3.39 15.52 -2.31
C VAL A 163 -2.75 14.59 -1.29
N LEU A 164 -2.68 13.29 -1.58
CA LEU A 164 -2.07 12.34 -0.66
C LEU A 164 -0.57 12.64 -0.48
N GLY A 165 0.12 12.88 -1.58
CA GLY A 165 1.54 13.21 -1.49
C GLY A 165 1.78 14.50 -0.73
N LEU A 166 0.96 15.52 -0.99
CA LEU A 166 1.08 16.78 -0.26
C LEU A 166 0.80 16.59 1.22
N ALA A 167 -0.25 15.84 1.56
CA ALA A 167 -0.62 15.65 2.95
C ALA A 167 0.49 14.92 3.71
N LYS A 168 1.06 13.88 3.10
CA LYS A 168 2.15 13.15 3.75
C LYS A 168 3.37 14.03 3.94
N ALA A 169 3.68 14.87 2.95
CA ALA A 169 4.83 15.75 3.05
C ALA A 169 4.63 16.79 4.14
N MET A 170 3.42 17.35 4.26
CA MET A 170 3.15 18.31 5.31
C MET A 170 3.14 17.63 6.68
N ALA A 171 2.64 16.39 6.74
CA ALA A 171 2.67 15.64 7.98
C ALA A 171 4.10 15.49 8.50
N ARG A 172 5.05 15.18 7.61
CA ARG A 172 6.43 14.99 8.04
C ARG A 172 7.06 16.32 8.43
N GLU A 173 6.75 17.39 7.69
CA GLU A 173 7.39 18.68 7.98
C GLU A 173 6.94 19.26 9.31
N PHE A 174 5.66 19.11 9.65
CA PHE A 174 5.09 19.80 10.80
C PHE A 174 4.75 18.88 11.96
N GLY A 175 5.22 17.63 11.94
CA GLY A 175 5.01 16.75 13.09
C GLY A 175 5.57 17.34 14.37
N GLY A 176 6.75 17.94 14.29
CA GLY A 176 7.36 18.54 15.48
C GLY A 176 6.58 19.71 16.04
N ASP A 177 5.72 20.33 15.23
CA ASP A 177 4.83 21.38 15.69
C ASP A 177 3.49 20.83 16.15
N GLN A 178 3.33 19.51 16.20
CA GLN A 178 2.09 18.86 16.61
C GLN A 178 0.93 19.22 15.69
N ILE A 179 1.22 19.46 14.42
CA ILE A 179 0.21 19.64 13.38
C ILE A 179 0.06 18.30 12.69
N ARG A 180 -0.99 17.57 13.01
CA ARG A 180 -1.27 16.29 12.37
C ARG A 180 -1.93 16.53 11.02
N VAL A 181 -1.49 15.77 10.01
CA VAL A 181 -2.03 15.87 8.67
C VAL A 181 -2.33 14.47 8.19
N ASN A 182 -3.61 14.20 7.91
CA ASN A 182 -4.06 12.90 7.45
C ASN A 182 -5.03 13.09 6.30
N SER A 183 -5.30 12.00 5.59
CA SER A 183 -6.14 12.05 4.40
C SER A 183 -7.25 11.02 4.49
N LEU A 184 -8.38 11.35 3.87
CA LEU A 184 -9.50 10.44 3.69
C LEU A 184 -9.56 10.03 2.22
N THR A 185 -9.82 8.75 1.98
CA THR A 185 -9.99 8.23 0.62
C THR A 185 -11.37 7.59 0.53
N PRO A 186 -12.41 8.39 0.35
CA PRO A 186 -13.76 7.82 0.26
C PRO A 186 -13.95 7.03 -1.02
N GLY A 187 -14.81 6.02 -0.94
CA GLY A 187 -15.21 5.25 -2.11
C GLY A 187 -16.34 5.94 -2.85
N LEU A 188 -17.33 5.18 -3.27
CA LEU A 188 -18.50 5.71 -3.96
C LEU A 188 -19.52 6.17 -2.92
N ILE A 189 -19.68 7.48 -2.79
CA ILE A 189 -20.54 8.09 -1.77
C ILE A 189 -21.78 8.64 -2.46
N GLN A 190 -22.95 8.36 -1.89
CA GLN A 190 -24.21 8.83 -2.44
C GLN A 190 -24.21 10.36 -2.56
N ASP A 200 -26.94 4.26 -14.07
CA ASP A 200 -27.46 3.25 -13.18
C ASP A 200 -26.71 1.93 -13.36
N ASP A 201 -26.44 1.58 -14.62
CA ASP A 201 -25.69 0.35 -14.90
C ASP A 201 -24.29 0.42 -14.30
N ARG A 202 -23.60 1.55 -14.50
CA ARG A 202 -22.29 1.73 -13.91
C ARG A 202 -22.37 1.64 -12.39
N ARG A 203 -23.39 2.26 -11.79
CA ARG A 203 -23.52 2.22 -10.34
C ARG A 203 -23.78 0.79 -9.85
N HIS A 204 -24.66 0.06 -10.53
CA HIS A 204 -24.94 -1.32 -10.14
CA HIS A 204 -24.94 -1.32 -10.12
C HIS A 204 -23.68 -2.18 -10.21
N ASP A 205 -22.92 -2.04 -11.29
CA ASP A 205 -21.68 -2.81 -11.43
C ASP A 205 -20.71 -2.49 -10.31
N ILE A 206 -20.56 -1.19 -9.99
CA ILE A 206 -19.68 -0.80 -8.89
C ILE A 206 -20.18 -1.38 -7.57
N LEU A 207 -21.50 -1.28 -7.35
CA LEU A 207 -22.07 -1.79 -6.10
C LEU A 207 -21.78 -3.27 -5.90
N ALA A 208 -21.74 -4.03 -6.98
CA ALA A 208 -21.45 -5.46 -6.88
C ALA A 208 -20.05 -5.72 -6.34
N GLY A 209 -19.13 -4.76 -6.49
CA GLY A 209 -17.78 -4.93 -6.01
C GLY A 209 -17.54 -4.30 -4.65
N ILE A 210 -18.60 -4.04 -3.91
CA ILE A 210 -18.52 -3.46 -2.57
C ILE A 210 -18.95 -4.53 -1.57
N PRO A 211 -18.04 -5.09 -0.76
CA PRO A 211 -18.44 -6.16 0.17
C PRO A 211 -19.58 -5.79 1.10
N LEU A 212 -19.61 -4.56 1.61
CA LEU A 212 -20.70 -4.16 2.50
C LEU A 212 -22.02 -3.96 1.76
N GLY A 213 -22.02 -4.01 0.43
CA GLY A 213 -23.26 -4.10 -0.32
C GLY A 213 -24.08 -2.83 -0.38
N ARG A 214 -23.47 -1.67 -0.17
CA ARG A 214 -24.19 -0.42 -0.26
C ARG A 214 -23.20 0.69 -0.61
N LEU A 215 -23.74 1.78 -1.13
CA LEU A 215 -22.94 2.97 -1.35
C LEU A 215 -22.72 3.68 -0.01
N GLY A 216 -21.63 4.44 0.06
CA GLY A 216 -21.37 5.23 1.24
C GLY A 216 -22.30 6.43 1.33
N LYS A 217 -22.40 6.96 2.55
CA LYS A 217 -23.18 8.16 2.81
C LYS A 217 -22.25 9.28 3.24
N ALA A 218 -22.68 10.52 3.00
CA ALA A 218 -21.89 11.67 3.44
C ALA A 218 -21.53 11.56 4.90
N GLN A 219 -22.44 11.02 5.73
CA GLN A 219 -22.19 10.90 7.15
C GLN A 219 -21.06 9.90 7.44
N ASP A 220 -20.90 8.88 6.60
CA ASP A 220 -19.81 7.94 6.79
C ASP A 220 -18.45 8.64 6.71
N VAL A 221 -18.28 9.51 5.71
CA VAL A 221 -17.03 10.24 5.56
C VAL A 221 -16.88 11.27 6.67
N ALA A 222 -17.97 11.95 7.03
CA ALA A 222 -17.92 12.93 8.11
C ALA A 222 -17.48 12.30 9.42
N ASN A 223 -17.94 11.08 9.70
CA ASN A 223 -17.54 10.40 10.93
C ASN A 223 -16.07 10.05 10.92
N ALA A 224 -15.50 9.73 9.76
CA ALA A 224 -14.06 9.50 9.68
C ALA A 224 -13.29 10.80 9.85
N ALA A 225 -13.80 11.90 9.31
CA ALA A 225 -13.18 13.20 9.53
C ALA A 225 -13.24 13.59 11.00
N LEU A 226 -14.36 13.29 11.66
CA LEU A 226 -14.46 13.53 13.10
C LEU A 226 -13.37 12.77 13.86
N PHE A 227 -13.15 11.51 13.50
CA PHE A 227 -12.09 10.73 14.14
C PHE A 227 -10.73 11.41 13.97
N LEU A 228 -10.39 11.78 12.72
CA LEU A 228 -9.09 12.38 12.47
C LEU A 228 -8.97 13.77 13.06
N ALA A 229 -10.09 14.50 13.19
CA ALA A 229 -10.03 15.84 13.75
C ALA A 229 -9.97 15.82 15.27
N SER A 230 -10.49 14.77 15.90
CA SER A 230 -10.58 14.70 17.35
C SER A 230 -9.30 14.15 17.97
N ASP A 231 -9.27 14.16 19.30
CA ASP A 231 -8.14 13.60 20.05
C ASP A 231 -8.14 12.08 20.03
N LEU A 232 -9.18 11.44 19.51
CA LEU A 232 -9.15 9.99 19.35
C LEU A 232 -8.04 9.53 18.41
N SER A 233 -7.53 10.43 17.57
CA SER A 233 -6.47 10.11 16.62
C SER A 233 -5.21 10.92 16.91
N ALA A 234 -4.96 11.22 18.19
CA ALA A 234 -3.87 12.11 18.56
C ALA A 234 -2.50 11.59 18.11
N TYR A 235 -2.35 10.28 17.92
CA TYR A 235 -1.08 9.71 17.53
C TYR A 235 -1.03 9.33 16.05
N LEU A 236 -1.99 9.82 15.26
CA LEU A 236 -2.04 9.53 13.83
C LEU A 236 -1.61 10.77 13.05
N THR A 237 -0.60 10.61 12.20
CA THR A 237 -0.26 11.62 11.21
C THR A 237 0.32 10.92 9.99
N GLY A 238 0.08 11.51 8.83
CA GLY A 238 0.49 10.90 7.58
C GLY A 238 -0.32 9.70 7.17
N VAL A 239 -1.48 9.50 7.78
CA VAL A 239 -2.30 8.32 7.52
C VAL A 239 -3.24 8.59 6.36
N THR A 240 -3.52 7.54 5.59
CA THR A 240 -4.55 7.54 4.56
C THR A 240 -5.65 6.59 5.03
N LEU A 241 -6.81 7.14 5.35
CA LEU A 241 -7.90 6.37 5.95
C LEU A 241 -8.95 6.09 4.88
N ASP A 242 -9.07 4.82 4.50
CA ASP A 242 -10.00 4.41 3.46
C ASP A 242 -11.43 4.36 4.02
N VAL A 243 -12.37 4.94 3.29
CA VAL A 243 -13.78 4.89 3.64
C VAL A 243 -14.56 4.43 2.41
N ASN A 244 -14.42 3.15 2.06
CA ASN A 244 -14.91 2.65 0.77
C ASN A 244 -15.72 1.37 0.89
N GLY A 245 -16.09 0.95 2.09
CA GLY A 245 -16.93 -0.22 2.27
C GLY A 245 -16.32 -1.51 1.76
N GLY A 246 -15.00 -1.58 1.64
CA GLY A 246 -14.33 -2.74 1.10
C GLY A 246 -14.16 -2.74 -0.39
N MET A 247 -14.59 -1.68 -1.08
CA MET A 247 -14.40 -1.58 -2.52
C MET A 247 -12.94 -1.77 -2.89
N LEU A 248 -12.03 -1.27 -2.06
CA LEU A 248 -10.60 -1.45 -2.26
C LEU A 248 -10.01 -1.94 -0.95
N ILE A 249 -9.62 -3.22 -0.93
CA ILE A 249 -8.89 -3.81 0.17
C ILE A 249 -7.48 -4.09 -0.33
N HIS A 250 -6.48 -3.59 0.38
CA HIS A 250 -5.09 -3.68 -0.07
C HIS A 250 -4.13 -3.71 1.11
N MET B 2 -21.46 8.25 24.45
CA MET B 2 -21.71 6.80 24.64
C MET B 2 -21.69 6.08 23.29
N LEU B 3 -20.50 5.99 22.69
CA LEU B 3 -20.38 5.44 21.34
C LEU B 3 -20.69 3.96 21.28
N LEU B 4 -20.60 3.23 22.40
CA LEU B 4 -20.85 1.80 22.42
C LEU B 4 -22.03 1.44 23.32
N GLN B 5 -23.00 2.34 23.42
CA GLN B 5 -24.16 2.08 24.26
C GLN B 5 -24.89 0.83 23.80
N GLY B 6 -25.19 -0.05 24.76
CA GLY B 6 -25.90 -1.28 24.47
C GLY B 6 -25.08 -2.36 23.79
N LYS B 7 -23.80 -2.12 23.54
CA LYS B 7 -22.97 -3.09 22.83
C LYS B 7 -22.27 -4.02 23.80
N VAL B 8 -21.96 -5.22 23.31
CA VAL B 8 -21.20 -6.22 24.06
C VAL B 8 -19.90 -6.48 23.30
N ALA B 9 -18.77 -6.36 23.99
CA ALA B 9 -17.47 -6.48 23.37
C ALA B 9 -16.64 -7.53 24.08
N LEU B 10 -16.03 -8.43 23.32
CA LEU B 10 -15.09 -9.43 23.83
C LEU B 10 -13.69 -9.00 23.45
N ILE B 11 -12.82 -8.88 24.45
CA ILE B 11 -11.45 -8.43 24.25
C ILE B 11 -10.51 -9.49 24.82
N THR B 12 -9.65 -10.04 23.97
CA THR B 12 -8.67 -11.03 24.40
C THR B 12 -7.41 -10.34 24.89
N GLY B 13 -6.73 -10.97 25.85
CA GLY B 13 -5.49 -10.43 26.37
C GLY B 13 -5.63 -9.10 27.07
N ALA B 14 -6.76 -8.87 27.74
CA ALA B 14 -7.02 -7.59 28.39
C ALA B 14 -6.92 -7.67 29.91
N ALA B 15 -6.23 -8.68 30.43
CA ALA B 15 -6.10 -8.85 31.88
C ALA B 15 -4.92 -8.09 32.47
N SER B 16 -3.88 -7.84 31.69
CA SER B 16 -2.73 -7.09 32.19
C SER B 16 -3.11 -5.63 32.42
N GLU B 17 -2.61 -5.06 33.52
CA GLU B 17 -3.06 -3.73 33.91
C GLU B 17 -2.52 -2.64 32.99
N ARG B 18 -1.38 -2.87 32.36
CA ARG B 18 -0.72 -1.85 31.54
C ARG B 18 -0.86 -2.11 30.05
N GLY B 19 -1.60 -3.13 29.63
CA GLY B 19 -1.66 -3.49 28.23
C GLY B 19 -2.68 -2.69 27.44
N ILE B 20 -2.57 -2.83 26.11
CA ILE B 20 -3.55 -2.23 25.22
C ILE B 20 -4.93 -2.83 25.47
N GLY B 21 -4.98 -4.13 25.78
CA GLY B 21 -6.27 -4.76 25.99
C GLY B 21 -7.06 -4.16 27.13
N ARG B 22 -6.40 -3.99 28.29
CA ARG B 22 -7.07 -3.39 29.43
C ARG B 22 -7.48 -1.95 29.13
N ALA B 23 -6.59 -1.19 28.48
CA ALA B 23 -6.92 0.19 28.13
C ALA B 23 -8.13 0.23 27.20
N THR B 24 -8.22 -0.73 26.28
CA THR B 24 -9.38 -0.80 25.40
C THR B 24 -10.64 -1.16 26.17
N ALA B 25 -10.53 -2.12 27.10
CA ALA B 25 -11.69 -2.49 27.92
C ALA B 25 -12.17 -1.30 28.73
N GLU B 26 -11.25 -0.54 29.33
CA GLU B 26 -11.64 0.61 30.14
C GLU B 26 -12.38 1.65 29.31
N ILE B 27 -11.82 2.00 28.15
CA ILE B 27 -12.46 3.01 27.31
C ILE B 27 -13.77 2.49 26.75
N PHE B 28 -13.82 1.20 26.40
CA PHE B 28 -15.07 0.63 25.91
C PHE B 28 -16.16 0.69 26.98
N ALA B 29 -15.82 0.32 28.22
CA ALA B 29 -16.79 0.41 29.30
C ALA B 29 -17.25 1.84 29.52
N GLN B 30 -16.32 2.80 29.44
CA GLN B 30 -16.68 4.20 29.59
C GLN B 30 -17.66 4.65 28.50
N GLN B 31 -17.58 4.05 27.31
CA GLN B 31 -18.46 4.39 26.21
C GLN B 31 -19.75 3.56 26.21
N GLY B 32 -20.03 2.84 27.29
CA GLY B 32 -21.31 2.18 27.47
C GLY B 32 -21.33 0.70 27.15
N ALA B 33 -20.20 0.11 26.80
CA ALA B 33 -20.18 -1.30 26.43
C ALA B 33 -20.05 -2.18 27.65
N LYS B 34 -20.61 -3.38 27.56
CA LYS B 34 -20.30 -4.45 28.49
C LYS B 34 -19.16 -5.26 27.89
N VAL B 35 -18.14 -5.53 28.70
CA VAL B 35 -16.88 -6.07 28.23
C VAL B 35 -16.69 -7.48 28.78
N ILE B 36 -16.25 -8.38 27.92
CA ILE B 36 -15.85 -9.74 28.30
C ILE B 36 -14.34 -9.80 28.11
N ILE B 37 -13.59 -9.94 29.20
CA ILE B 37 -12.15 -10.07 29.15
C ILE B 37 -11.80 -11.55 29.10
N VAL B 38 -11.06 -11.95 28.08
CA VAL B 38 -10.58 -13.32 27.92
C VAL B 38 -9.06 -13.29 27.98
N ASP B 39 -8.49 -13.99 28.94
CA ASP B 39 -7.04 -14.04 29.11
C ASP B 39 -6.68 -15.42 29.68
N LEU B 40 -5.41 -15.60 30.01
CA LEU B 40 -4.93 -16.92 30.39
C LEU B 40 -5.35 -17.29 31.82
N ASP B 41 -5.35 -16.31 32.73
CA ASP B 41 -5.60 -16.56 34.14
C ASP B 41 -7.03 -16.15 34.49
N LEU B 42 -7.80 -17.09 35.03
CA LEU B 42 -9.20 -16.81 35.35
C LEU B 42 -9.31 -15.71 36.41
N ALA B 43 -8.59 -15.86 37.52
CA ALA B 43 -8.68 -14.87 38.59
C ALA B 43 -8.28 -13.49 38.11
N GLN B 44 -7.21 -13.40 37.33
CA GLN B 44 -6.77 -12.10 36.82
C GLN B 44 -7.81 -11.51 35.88
N SER B 45 -8.44 -12.34 35.06
CA SER B 45 -9.46 -11.85 34.15
C SER B 45 -10.71 -11.38 34.90
N GLN B 46 -11.15 -12.16 35.88
CA GLN B 46 -12.32 -11.77 36.67
C GLN B 46 -12.08 -10.46 37.42
N ASN B 47 -10.89 -10.31 38.00
CA ASN B 47 -10.59 -9.09 38.73
C ASN B 47 -10.51 -7.88 37.80
N ALA B 48 -9.94 -8.07 36.60
CA ALA B 48 -9.89 -6.99 35.64
C ALA B 48 -11.29 -6.58 35.22
N ALA B 49 -12.17 -7.54 34.96
CA ALA B 49 -13.55 -7.23 34.59
C ALA B 49 -14.27 -6.52 35.71
N LYS B 50 -14.05 -6.97 36.96
CA LYS B 50 -14.68 -6.31 38.09
C LYS B 50 -14.21 -4.87 38.24
N ALA B 51 -12.95 -4.59 37.91
CA ALA B 51 -12.43 -3.24 38.04
C ALA B 51 -13.06 -2.29 37.04
N LEU B 52 -13.53 -2.80 35.89
CA LEU B 52 -14.17 -1.94 34.91
C LEU B 52 -15.44 -1.31 35.45
N GLY B 53 -16.20 -2.06 36.24
CA GLY B 53 -17.46 -1.59 36.76
C GLY B 53 -18.39 -2.77 36.99
N GLU B 54 -19.67 -2.54 36.69
CA GLU B 54 -20.70 -3.55 36.87
C GLU B 54 -21.15 -4.11 35.53
N GLY B 55 -21.53 -5.38 35.53
CA GLY B 55 -22.08 -6.02 34.35
C GLY B 55 -21.06 -6.62 33.41
N HIS B 56 -19.79 -6.62 33.77
CA HIS B 56 -18.74 -7.15 32.91
C HIS B 56 -18.41 -8.58 33.32
N MET B 57 -17.55 -9.23 32.53
CA MET B 57 -17.27 -10.64 32.71
C MET B 57 -15.81 -10.93 32.37
N GLY B 58 -15.20 -11.80 33.17
CA GLY B 58 -13.84 -12.26 32.93
C GLY B 58 -13.78 -13.76 32.77
N LEU B 59 -13.14 -14.23 31.69
CA LEU B 59 -13.07 -15.64 31.38
C LEU B 59 -11.63 -16.02 31.08
N ALA B 60 -11.33 -17.31 31.24
CA ALA B 60 -9.99 -17.84 31.01
C ALA B 60 -10.00 -18.72 29.76
N ALA B 61 -9.06 -18.46 28.85
CA ALA B 61 -8.94 -19.28 27.66
C ALA B 61 -7.64 -18.96 26.95
N ASN B 62 -6.97 -19.99 26.46
CA ASN B 62 -5.86 -19.84 25.52
C ASN B 62 -6.45 -19.70 24.14
N VAL B 63 -6.27 -18.52 23.52
CA VAL B 63 -6.89 -18.25 22.23
C VAL B 63 -6.47 -19.24 21.17
N ALA B 64 -5.35 -19.93 21.37
CA ALA B 64 -4.90 -20.97 20.45
C ALA B 64 -5.47 -22.34 20.81
N ASN B 65 -6.40 -22.42 21.76
CA ASN B 65 -7.00 -23.67 22.19
C ASN B 65 -8.48 -23.64 21.83
N GLU B 66 -8.85 -24.43 20.80
CA GLU B 66 -10.22 -24.39 20.30
C GLU B 66 -11.22 -24.71 21.39
N GLU B 67 -10.94 -25.73 22.21
CA GLU B 67 -11.90 -26.15 23.23
C GLU B 67 -12.13 -25.04 24.26
N GLN B 68 -11.05 -24.41 24.73
CA GLN B 68 -11.20 -23.37 25.74
C GLN B 68 -11.88 -22.14 25.16
N VAL B 69 -11.58 -21.79 23.92
CA VAL B 69 -12.24 -20.64 23.29
C VAL B 69 -13.73 -20.90 23.14
N LYS B 70 -14.10 -22.10 22.70
CA LYS B 70 -15.52 -22.42 22.53
C LYS B 70 -16.26 -22.31 23.86
N ALA B 71 -15.65 -22.78 24.95
CA ALA B 71 -16.30 -22.69 26.25
C ALA B 71 -16.49 -21.24 26.68
N ALA B 72 -15.48 -20.40 26.47
CA ALA B 72 -15.58 -19.00 26.88
C ALA B 72 -16.66 -18.28 26.10
N VAL B 73 -16.67 -18.44 24.77
CA VAL B 73 -17.65 -17.75 23.95
C VAL B 73 -19.06 -18.21 24.30
N GLU B 74 -19.22 -19.51 24.56
CA GLU B 74 -20.53 -20.02 24.94
C GLU B 74 -21.00 -19.41 26.25
N GLN B 75 -20.12 -19.36 27.25
CA GLN B 75 -20.47 -18.73 28.52
C GLN B 75 -20.86 -17.27 28.30
N ALA B 76 -20.15 -16.57 27.41
CA ALA B 76 -20.45 -15.17 27.16
C ALA B 76 -21.80 -15.02 26.48
N LEU B 77 -22.07 -15.84 25.47
CA LEU B 77 -23.35 -15.75 24.76
C LEU B 77 -24.51 -16.16 25.66
N GLN B 78 -24.29 -17.14 26.55
CA GLN B 78 -25.35 -17.55 27.48
C GLN B 78 -25.78 -16.37 28.36
N HIS B 79 -24.83 -15.53 28.76
CA HIS B 79 -25.12 -14.43 29.68
C HIS B 79 -25.60 -13.18 28.94
N TYR B 80 -24.91 -12.78 27.88
CA TYR B 80 -25.22 -11.55 27.17
C TYR B 80 -26.12 -11.75 25.96
N GLY B 81 -26.19 -12.96 25.42
CA GLY B 81 -27.01 -13.24 24.27
C GLY B 81 -26.44 -12.77 22.94
N LYS B 82 -25.37 -12.00 22.94
CA LYS B 82 -24.79 -11.49 21.70
C LYS B 82 -23.38 -11.01 21.98
N ILE B 83 -22.58 -10.93 20.91
CA ILE B 83 -21.26 -10.32 20.94
C ILE B 83 -21.20 -9.38 19.74
N ASP B 84 -21.30 -8.07 20.00
CA ASP B 84 -21.30 -7.09 18.92
C ASP B 84 -19.89 -6.83 18.40
N ILE B 85 -18.88 -6.90 19.27
CA ILE B 85 -17.53 -6.48 18.95
C ILE B 85 -16.56 -7.56 19.42
N LEU B 86 -15.56 -7.86 18.60
CA LEU B 86 -14.48 -8.75 18.98
C LEU B 86 -13.16 -8.01 18.74
N ILE B 87 -12.36 -7.90 19.79
CA ILE B 87 -11.04 -7.28 19.73
C ILE B 87 -10.02 -8.40 19.93
N ASN B 88 -9.38 -8.83 18.85
CA ASN B 88 -8.35 -9.88 18.92
C ASN B 88 -7.02 -9.23 19.29
N ASN B 89 -6.90 -8.88 20.57
CA ASN B 89 -5.73 -8.16 21.05
C ASN B 89 -4.64 -9.08 21.58
N ALA B 90 -4.98 -10.31 21.97
CA ALA B 90 -3.98 -11.22 22.50
C ALA B 90 -2.82 -11.40 21.53
N GLY B 91 -1.60 -11.35 22.08
CA GLY B 91 -0.41 -11.52 21.28
C GLY B 91 0.85 -11.51 22.11
N ILE B 92 1.90 -12.15 21.62
CA ILE B 92 3.19 -12.17 22.29
C ILE B 92 4.27 -11.85 21.27
N THR B 93 5.42 -11.40 21.78
CA THR B 93 6.55 -11.07 20.95
C THR B 93 7.82 -11.68 21.52
N GLN B 94 8.83 -11.83 20.65
CA GLN B 94 10.13 -12.36 21.04
C GLN B 94 11.18 -11.60 20.25
N PRO B 95 12.21 -11.04 20.90
CA PRO B 95 13.25 -10.30 20.18
C PRO B 95 14.41 -11.20 19.75
N ILE B 96 14.10 -12.21 18.96
CA ILE B 96 15.10 -13.16 18.45
C ILE B 96 15.21 -12.99 16.94
N LYS B 97 16.42 -13.07 16.43
CA LYS B 97 16.70 -12.79 15.04
C LYS B 97 16.46 -14.01 14.16
N THR B 98 16.54 -13.79 12.85
CA THR B 98 16.11 -14.79 11.87
C THR B 98 16.71 -16.17 12.17
N LEU B 99 18.04 -16.24 12.25
CA LEU B 99 18.70 -17.54 12.33
C LEU B 99 18.54 -18.22 13.68
N ASP B 100 18.00 -17.51 14.68
CA ASP B 100 17.84 -18.07 16.02
C ASP B 100 16.42 -18.53 16.30
N ILE B 101 15.50 -18.40 15.35
CA ILE B 101 14.11 -18.79 15.54
C ILE B 101 14.03 -20.32 15.47
N GLN B 102 13.56 -20.93 16.55
CA GLN B 102 13.34 -22.37 16.61
C GLN B 102 11.88 -22.70 16.37
N ARG B 103 11.61 -23.98 16.13
CA ARG B 103 10.25 -24.43 15.87
C ARG B 103 9.30 -23.97 16.98
N SER B 104 9.73 -24.10 18.24
CA SER B 104 8.87 -23.72 19.36
C SER B 104 8.66 -22.22 19.42
N ASP B 105 9.66 -21.42 19.04
CA ASP B 105 9.49 -19.98 18.99
C ASP B 105 8.48 -19.58 17.93
N TYR B 106 8.65 -20.11 16.72
CA TYR B 106 7.69 -19.89 15.64
C TYR B 106 6.28 -20.26 16.08
N ASP B 107 6.12 -21.47 16.64
CA ASP B 107 4.79 -21.94 17.01
C ASP B 107 4.15 -21.06 18.07
N ARG B 108 4.90 -20.71 19.13
CA ARG B 108 4.32 -19.92 20.20
C ARG B 108 3.84 -18.56 19.70
N VAL B 109 4.67 -17.87 18.91
CA VAL B 109 4.33 -16.53 18.48
C VAL B 109 3.20 -16.56 17.46
N LEU B 110 3.27 -17.47 16.49
CA LEU B 110 2.20 -17.58 15.51
C LEU B 110 0.89 -18.03 16.14
N ASP B 111 0.95 -18.88 17.16
CA ASP B 111 -0.27 -19.44 17.75
C ASP B 111 -1.12 -18.36 18.39
N VAL B 112 -0.50 -17.46 19.14
CA VAL B 112 -1.29 -16.48 19.89
C VAL B 112 -1.89 -15.45 18.96
N SER B 113 -1.08 -14.90 18.05
CA SER B 113 -1.56 -13.83 17.18
C SER B 113 -2.40 -14.37 16.02
N LEU B 114 -1.82 -15.24 15.20
CA LEU B 114 -2.50 -15.67 13.99
C LEU B 114 -3.54 -16.74 14.27
N ARG B 115 -3.12 -17.90 14.79
CA ARG B 115 -4.09 -18.96 15.07
C ARG B 115 -5.13 -18.50 16.08
N GLY B 116 -4.71 -17.71 17.07
CA GLY B 116 -5.66 -17.20 18.05
C GLY B 116 -6.71 -16.30 17.43
N THR B 117 -6.29 -15.42 16.51
CA THR B 117 -7.26 -14.57 15.81
C THR B 117 -8.23 -15.42 15.00
N LEU B 118 -7.73 -16.48 14.36
CA LEU B 118 -8.61 -17.34 13.57
C LEU B 118 -9.59 -18.07 14.47
N ILE B 119 -9.10 -18.68 15.55
CA ILE B 119 -9.96 -19.50 16.40
C ILE B 119 -11.01 -18.65 17.09
N MET B 120 -10.62 -17.49 17.63
CA MET B 120 -11.58 -16.61 18.28
C MET B 120 -12.59 -16.06 17.28
N SER B 121 -12.13 -15.65 16.09
CA SER B 121 -13.04 -15.16 15.07
C SER B 121 -14.01 -16.26 14.64
N GLN B 122 -13.50 -17.47 14.42
CA GLN B 122 -14.36 -18.58 14.06
C GLN B 122 -15.46 -18.81 15.10
N ALA B 123 -15.12 -18.61 16.38
CA ALA B 123 -16.07 -18.91 17.45
C ALA B 123 -17.14 -17.84 17.59
N VAL B 124 -16.85 -16.60 17.19
CA VAL B 124 -17.77 -15.49 17.41
C VAL B 124 -18.57 -15.19 16.15
N ILE B 125 -18.02 -15.52 14.98
CA ILE B 125 -18.66 -15.14 13.72
C ILE B 125 -20.06 -15.72 13.59
N PRO B 126 -20.32 -16.99 13.94
CA PRO B 126 -21.69 -17.51 13.80
C PRO B 126 -22.74 -16.66 14.49
N SER B 127 -22.48 -16.23 15.73
CA SER B 127 -23.44 -15.39 16.44
C SER B 127 -23.58 -14.02 15.75
N MET B 128 -22.47 -13.47 15.26
CA MET B 128 -22.54 -12.19 14.55
C MET B 128 -23.38 -12.29 13.29
N LYS B 129 -23.24 -13.39 12.55
CA LYS B 129 -24.07 -13.60 11.36
C LYS B 129 -25.54 -13.62 11.74
N ALA B 130 -25.88 -14.36 12.80
CA ALA B 130 -27.28 -14.47 13.21
C ALA B 130 -27.81 -13.16 13.77
N ASN B 131 -26.95 -12.33 14.34
CA ASN B 131 -27.36 -11.08 14.97
C ASN B 131 -27.28 -9.89 14.01
N GLY B 132 -27.06 -10.13 12.72
CA GLY B 132 -27.11 -9.07 11.74
C GLY B 132 -25.82 -8.31 11.54
N GLY B 133 -24.70 -8.79 12.09
CA GLY B 133 -23.41 -8.20 11.84
C GLY B 133 -22.63 -7.99 13.12
N GLY B 134 -21.51 -7.31 12.98
CA GLY B 134 -20.61 -7.07 14.09
C GLY B 134 -19.36 -6.39 13.60
N SER B 135 -18.43 -6.17 14.53
CA SER B 135 -17.17 -5.52 14.22
C SER B 135 -16.04 -6.32 14.86
N ILE B 136 -15.10 -6.77 14.03
CA ILE B 136 -13.92 -7.51 14.50
C ILE B 136 -12.70 -6.64 14.25
N VAL B 137 -11.91 -6.42 15.29
CA VAL B 137 -10.68 -5.64 15.22
C VAL B 137 -9.51 -6.56 15.51
N CYS B 138 -8.55 -6.61 14.60
CA CYS B 138 -7.37 -7.43 14.75
C CYS B 138 -6.16 -6.56 15.04
N LEU B 139 -5.29 -7.04 15.92
CA LEU B 139 -4.11 -6.29 16.34
C LEU B 139 -2.92 -6.78 15.52
N SER B 140 -2.44 -5.93 14.61
CA SER B 140 -1.23 -6.21 13.86
C SER B 140 -0.09 -5.39 14.45
N SER B 141 0.84 -4.94 13.61
CA SER B 141 1.96 -4.14 14.08
C SER B 141 2.62 -3.46 12.90
N VAL B 142 3.22 -2.30 13.16
CA VAL B 142 4.03 -1.64 12.15
C VAL B 142 5.15 -2.56 11.69
N SER B 143 5.60 -3.47 12.57
CA SER B 143 6.65 -4.41 12.19
C SER B 143 6.22 -5.28 11.03
N ALA B 144 4.92 -5.57 10.91
CA ALA B 144 4.43 -6.35 9.78
C ALA B 144 4.55 -5.58 8.47
N GLN B 145 4.59 -4.25 8.54
CA GLN B 145 4.63 -3.39 7.35
C GLN B 145 6.05 -3.00 6.96
N ARG B 146 6.87 -2.58 7.93
CA ARG B 146 8.21 -2.07 7.65
C ARG B 146 9.29 -3.13 7.78
N GLY B 147 8.93 -4.34 8.19
CA GLY B 147 9.91 -5.40 8.32
C GLY B 147 10.66 -5.35 9.64
N GLY B 148 9.92 -5.34 10.73
CA GLY B 148 10.55 -5.39 12.05
C GLY B 148 11.43 -4.18 12.29
N GLY B 149 12.54 -4.42 12.99
CA GLY B 149 13.45 -3.36 13.34
C GLY B 149 13.08 -2.59 14.59
N ILE B 150 11.99 -2.96 15.27
CA ILE B 150 11.56 -2.27 16.48
C ILE B 150 11.92 -3.11 17.69
N PHE B 151 11.37 -4.32 17.76
CA PHE B 151 11.66 -5.22 18.87
C PHE B 151 11.40 -6.67 18.47
N GLY B 152 10.18 -6.96 18.04
CA GLY B 152 9.84 -8.32 17.68
C GLY B 152 10.68 -8.83 16.51
N GLY B 153 11.00 -10.12 16.55
CA GLY B 153 11.78 -10.74 15.51
C GLY B 153 10.96 -11.03 14.26
N PRO B 154 11.64 -11.57 13.25
CA PRO B 154 10.95 -11.82 11.97
C PRO B 154 9.73 -12.71 12.08
N HIS B 155 9.71 -13.66 13.01
CA HIS B 155 8.51 -14.48 13.17
C HIS B 155 7.36 -13.69 13.78
N TYR B 156 7.67 -12.64 14.56
CA TYR B 156 6.63 -11.73 15.02
C TYR B 156 6.12 -10.87 13.87
N SER B 157 7.02 -10.34 13.04
CA SER B 157 6.59 -9.60 11.86
C SER B 157 5.72 -10.47 10.96
N ALA B 158 6.10 -11.73 10.80
CA ALA B 158 5.34 -12.64 9.95
C ALA B 158 3.96 -12.92 10.54
N ALA B 159 3.89 -13.15 11.86
CA ALA B 159 2.61 -13.42 12.50
C ALA B 159 1.67 -12.24 12.34
N LYS B 160 2.17 -11.03 12.61
CA LYS B 160 1.32 -9.85 12.52
C LYS B 160 0.97 -9.51 11.08
N ALA B 161 1.84 -9.85 10.13
CA ALA B 161 1.48 -9.73 8.72
C ALA B 161 0.42 -10.75 8.33
N GLY B 162 0.53 -11.98 8.86
CA GLY B 162 -0.50 -12.97 8.62
C GLY B 162 -1.85 -12.54 9.15
N VAL B 163 -1.87 -11.83 10.29
CA VAL B 163 -3.12 -11.32 10.83
C VAL B 163 -3.78 -10.38 9.83
N LEU B 164 -3.00 -9.53 9.18
CA LEU B 164 -3.57 -8.63 8.18
C LEU B 164 -4.18 -9.39 7.02
N GLY B 165 -3.50 -10.42 6.54
CA GLY B 165 -4.04 -11.21 5.45
C GLY B 165 -5.32 -11.93 5.85
N LEU B 166 -5.34 -12.50 7.05
CA LEU B 166 -6.54 -13.16 7.54
C LEU B 166 -7.68 -12.16 7.71
N ALA B 167 -7.40 -11.02 8.32
CA ALA B 167 -8.43 -10.01 8.55
C ALA B 167 -9.04 -9.56 7.23
N LYS B 168 -8.20 -9.29 6.22
CA LYS B 168 -8.70 -8.86 4.92
C LYS B 168 -9.55 -9.95 4.28
N ALA B 169 -9.11 -11.21 4.39
CA ALA B 169 -9.88 -12.31 3.80
C ALA B 169 -11.23 -12.46 4.48
N MET B 170 -11.27 -12.35 5.81
CA MET B 170 -12.55 -12.43 6.52
C MET B 170 -13.42 -11.21 6.22
N ALA B 171 -12.81 -10.04 6.05
CA ALA B 171 -13.59 -8.86 5.66
C ALA B 171 -14.31 -9.10 4.35
N ARG B 172 -13.62 -9.67 3.36
CA ARG B 172 -14.24 -9.91 2.07
C ARG B 172 -15.31 -10.98 2.15
N GLU B 173 -15.05 -12.07 2.90
CA GLU B 173 -16.01 -13.16 2.95
C GLU B 173 -17.30 -12.75 3.64
N PHE B 174 -17.21 -11.95 4.71
CA PHE B 174 -18.37 -11.68 5.56
C PHE B 174 -18.91 -10.27 5.40
N GLY B 175 -18.49 -9.54 4.36
CA GLY B 175 -19.07 -8.23 4.11
C GLY B 175 -20.58 -8.29 3.95
N GLY B 176 -21.07 -9.30 3.23
CA GLY B 176 -22.51 -9.42 3.04
C GLY B 176 -23.27 -9.66 4.33
N ASP B 177 -22.60 -10.23 5.33
CA ASP B 177 -23.19 -10.40 6.65
C ASP B 177 -23.05 -9.17 7.52
N GLN B 178 -22.51 -8.07 6.99
CA GLN B 178 -22.28 -6.85 7.76
C GLN B 178 -21.35 -7.09 8.95
N ILE B 179 -20.45 -8.07 8.82
CA ILE B 179 -19.40 -8.28 9.79
C ILE B 179 -18.17 -7.54 9.27
N ARG B 180 -17.89 -6.39 9.86
CA ARG B 180 -16.72 -5.61 9.48
C ARG B 180 -15.49 -6.16 10.16
N VAL B 181 -14.40 -6.27 9.40
CA VAL B 181 -13.14 -6.79 9.92
C VAL B 181 -12.05 -5.81 9.52
N ASN B 182 -11.38 -5.23 10.51
CA ASN B 182 -10.34 -4.24 10.30
C ASN B 182 -9.18 -4.54 11.23
N SER B 183 -8.03 -3.93 10.93
CA SER B 183 -6.81 -4.20 11.67
C SER B 183 -6.19 -2.89 12.13
N LEU B 184 -5.50 -2.97 13.27
CA LEU B 184 -4.68 -1.88 13.79
C LEU B 184 -3.22 -2.26 13.64
N THR B 185 -2.41 -1.29 13.21
CA THR B 185 -0.95 -1.47 13.09
C THR B 185 -0.27 -0.45 13.98
N PRO B 186 -0.19 -0.71 15.29
CA PRO B 186 0.43 0.25 16.19
C PRO B 186 1.93 0.31 16.00
N GLY B 187 2.49 1.50 16.26
CA GLY B 187 3.92 1.67 16.25
C GLY B 187 4.53 1.25 17.57
N LEU B 188 5.44 2.06 18.10
CA LEU B 188 6.07 1.77 19.39
C LEU B 188 5.18 2.32 20.49
N ILE B 189 4.54 1.41 21.23
CA ILE B 189 3.60 1.75 22.29
C ILE B 189 4.24 1.42 23.62
N GLN B 190 4.07 2.30 24.61
CA GLN B 190 4.69 2.12 25.92
C GLN B 190 3.70 1.60 26.94
N ASP B 205 16.67 6.33 20.10
CA ASP B 205 16.92 6.33 18.67
C ASP B 205 15.61 6.20 17.89
N ILE B 206 14.77 5.25 18.31
CA ILE B 206 13.47 5.09 17.68
C ILE B 206 12.65 6.37 17.80
N LEU B 207 12.74 7.03 18.96
CA LEU B 207 11.99 8.26 19.17
C LEU B 207 12.35 9.33 18.15
N ALA B 208 13.62 9.39 17.74
CA ALA B 208 14.06 10.41 16.78
C ALA B 208 13.40 10.24 15.42
N GLY B 209 12.95 9.02 15.08
CA GLY B 209 12.33 8.78 13.80
C GLY B 209 10.81 8.85 13.85
N ILE B 210 10.27 9.48 14.88
CA ILE B 210 8.83 9.63 15.04
C ILE B 210 8.49 11.11 14.89
N PRO B 211 7.79 11.51 13.82
CA PRO B 211 7.49 12.93 13.64
C PRO B 211 6.75 13.58 14.78
N LEU B 212 5.80 12.88 15.41
CA LEU B 212 5.08 13.48 16.53
C LEU B 212 5.91 13.55 17.81
N GLY B 213 7.12 12.99 17.82
CA GLY B 213 8.06 13.24 18.90
C GLY B 213 7.72 12.58 20.22
N ARG B 214 6.94 11.51 20.21
CA ARG B 214 6.65 10.77 21.43
C ARG B 214 6.32 9.33 21.06
N LEU B 215 6.38 8.46 22.05
CA LEU B 215 5.93 7.10 21.88
C LEU B 215 4.42 7.03 22.00
N GLY B 216 3.85 5.96 21.47
CA GLY B 216 2.41 5.76 21.56
C GLY B 216 1.99 5.37 22.96
N LYS B 217 0.74 5.67 23.28
CA LYS B 217 0.14 5.28 24.54
C LYS B 217 -0.88 4.17 24.30
N ALA B 218 -1.02 3.28 25.27
CA ALA B 218 -2.04 2.25 25.18
C ALA B 218 -3.40 2.85 24.83
N GLN B 219 -3.68 4.04 25.35
CA GLN B 219 -4.95 4.70 25.08
C GLN B 219 -5.07 5.13 23.63
N ASP B 220 -3.94 5.43 22.96
CA ASP B 220 -4.00 5.77 21.54
C ASP B 220 -4.52 4.60 20.72
N VAL B 221 -3.99 3.40 20.97
CA VAL B 221 -4.47 2.22 20.26
C VAL B 221 -5.92 1.94 20.65
N ALA B 222 -6.24 2.07 21.94
CA ALA B 222 -7.61 1.83 22.39
C ALA B 222 -8.60 2.76 21.69
N ASN B 223 -8.22 4.03 21.50
CA ASN B 223 -9.11 4.98 20.83
C ASN B 223 -9.32 4.59 19.37
N ALA B 224 -8.28 4.08 18.71
CA ALA B 224 -8.45 3.59 17.34
C ALA B 224 -9.36 2.38 17.31
N ALA B 225 -9.22 1.47 18.28
CA ALA B 225 -10.12 0.32 18.35
C ALA B 225 -11.56 0.77 18.60
N LEU B 226 -11.74 1.79 19.43
CA LEU B 226 -13.07 2.33 19.68
C LEU B 226 -13.70 2.83 18.38
N PHE B 227 -12.94 3.58 17.58
CA PHE B 227 -13.43 4.05 16.30
C PHE B 227 -13.88 2.89 15.41
N LEU B 228 -13.03 1.87 15.29
CA LEU B 228 -13.35 0.73 14.42
C LEU B 228 -14.48 -0.11 15.00
N ALA B 229 -14.63 -0.15 16.32
CA ALA B 229 -15.70 -0.93 16.93
C ALA B 229 -17.04 -0.19 16.88
N SER B 230 -17.03 1.13 16.81
CA SER B 230 -18.24 1.93 16.88
C SER B 230 -18.87 2.11 15.50
N ASP B 231 -20.06 2.71 15.48
CA ASP B 231 -20.75 3.02 14.23
C ASP B 231 -20.10 4.18 13.49
N LEU B 232 -19.13 4.87 14.09
CA LEU B 232 -18.40 5.90 13.37
C LEU B 232 -17.63 5.33 12.17
N SER B 233 -17.41 4.02 12.14
CA SER B 233 -16.68 3.36 11.05
C SER B 233 -17.57 2.35 10.33
N ALA B 234 -18.88 2.62 10.28
CA ALA B 234 -19.82 1.66 9.72
C ALA B 234 -19.51 1.28 8.28
N TYR B 235 -18.80 2.12 7.53
CA TYR B 235 -18.51 1.86 6.13
C TYR B 235 -17.07 1.43 5.91
N LEU B 236 -16.37 1.05 6.97
CA LEU B 236 -14.98 0.60 6.88
C LEU B 236 -14.91 -0.90 7.09
N THR B 237 -14.32 -1.61 6.14
CA THR B 237 -13.98 -3.01 6.32
C THR B 237 -12.77 -3.32 5.47
N GLY B 238 -11.93 -4.23 5.96
CA GLY B 238 -10.67 -4.53 5.31
C GLY B 238 -9.62 -3.46 5.46
N VAL B 239 -9.82 -2.51 6.36
CA VAL B 239 -8.92 -1.38 6.53
C VAL B 239 -7.78 -1.76 7.46
N THR B 240 -6.58 -1.27 7.14
CA THR B 240 -5.43 -1.34 8.03
C THR B 240 -5.17 0.07 8.54
N LEU B 241 -5.38 0.29 9.83
CA LEU B 241 -5.31 1.62 10.43
C LEU B 241 -3.99 1.76 11.19
N ASP B 242 -3.11 2.61 10.70
CA ASP B 242 -1.81 2.82 11.31
C ASP B 242 -1.95 3.72 12.53
N VAL B 243 -1.33 3.32 13.64
CA VAL B 243 -1.28 4.13 14.85
C VAL B 243 0.18 4.20 15.30
N ASN B 244 0.99 4.97 14.57
CA ASN B 244 2.44 4.93 14.76
C ASN B 244 3.08 6.32 14.84
N GLY B 245 2.28 7.38 14.97
CA GLY B 245 2.83 8.71 15.16
C GLY B 245 3.66 9.23 14.01
N GLY B 246 3.53 8.63 12.83
CA GLY B 246 4.33 9.01 11.68
C GLY B 246 5.59 8.20 11.51
N MET B 247 5.86 7.24 12.41
CA MET B 247 7.03 6.39 12.27
C MET B 247 7.09 5.75 10.89
N LEU B 248 5.93 5.39 10.34
CA LEU B 248 5.84 4.85 8.99
C LEU B 248 4.76 5.62 8.25
N ILE B 249 5.19 6.45 7.30
CA ILE B 249 4.30 7.11 6.36
C ILE B 249 4.52 6.47 4.99
N HIS B 250 3.44 5.99 4.39
CA HIS B 250 3.54 5.27 3.13
C HIS B 250 2.29 5.45 2.27
N MET C 2 22.59 -13.30 -21.01
CA MET C 2 22.73 -14.26 -19.87
C MET C 2 22.74 -13.50 -18.55
N LEU C 3 21.54 -13.16 -18.06
CA LEU C 3 21.41 -12.34 -16.87
C LEU C 3 21.93 -13.05 -15.62
N LEU C 4 21.91 -14.39 -15.61
CA LEU C 4 22.33 -15.17 -14.45
C LEU C 4 23.57 -15.98 -14.73
N GLN C 5 24.45 -15.48 -15.58
CA GLN C 5 25.68 -16.20 -15.93
C GLN C 5 26.51 -16.44 -14.67
N GLY C 6 26.92 -17.70 -14.48
CA GLY C 6 27.75 -18.08 -13.36
C GLY C 6 27.03 -18.18 -12.03
N LYS C 7 25.74 -17.92 -11.98
CA LYS C 7 24.99 -17.94 -10.74
C LYS C 7 24.45 -19.34 -10.45
N VAL C 8 24.22 -19.61 -9.16
CA VAL C 8 23.63 -20.86 -8.69
C VAL C 8 22.33 -20.51 -7.98
N ALA C 9 21.23 -21.13 -8.41
CA ALA C 9 19.90 -20.82 -7.89
C ALA C 9 19.23 -22.08 -7.36
N LEU C 10 18.69 -22.00 -6.15
CA LEU C 10 17.90 -23.07 -5.55
C LEU C 10 16.43 -22.66 -5.60
N ILE C 11 15.61 -23.52 -6.20
CA ILE C 11 14.19 -23.25 -6.38
C ILE C 11 13.41 -24.39 -5.74
N THR C 12 12.58 -24.06 -4.75
CA THR C 12 11.74 -25.06 -4.11
C THR C 12 10.44 -25.23 -4.89
N GLY C 13 9.90 -26.45 -4.84
CA GLY C 13 8.64 -26.74 -5.51
C GLY C 13 8.67 -26.54 -7.01
N ALA C 14 9.79 -26.88 -7.65
CA ALA C 14 9.96 -26.67 -9.08
C ALA C 14 9.91 -27.98 -9.87
N ALA C 15 9.34 -29.03 -9.29
CA ALA C 15 9.27 -30.32 -9.96
C ALA C 15 7.98 -30.53 -10.73
N SER C 16 6.98 -29.69 -10.54
CA SER C 16 5.72 -29.84 -11.26
C SER C 16 5.90 -29.44 -12.72
N GLU C 17 5.16 -30.12 -13.61
CA GLU C 17 5.33 -29.92 -15.04
C GLU C 17 5.01 -28.48 -15.44
N ARG C 18 3.84 -27.98 -15.05
CA ARG C 18 3.34 -26.70 -15.51
C ARG C 18 3.30 -25.64 -14.42
N GLY C 19 4.05 -25.83 -13.33
CA GLY C 19 4.03 -24.89 -12.23
C GLY C 19 4.96 -23.72 -12.45
N ILE C 20 4.81 -22.71 -11.57
CA ILE C 20 5.68 -21.54 -11.63
C ILE C 20 7.12 -21.93 -11.35
N GLY C 21 7.33 -22.85 -10.41
CA GLY C 21 8.69 -23.25 -10.08
C GLY C 21 9.45 -23.81 -11.26
N ARG C 22 8.82 -24.74 -12.00
CA ARG C 22 9.47 -25.29 -13.18
C ARG C 22 9.72 -24.23 -14.23
N ALA C 23 8.72 -23.37 -14.48
CA ALA C 23 8.91 -22.27 -15.43
C ALA C 23 10.07 -21.38 -15.01
N THR C 24 10.21 -21.14 -13.71
CA THR C 24 11.32 -20.32 -13.22
C THR C 24 12.65 -21.03 -13.41
N ALA C 25 12.70 -22.34 -13.13
CA ALA C 25 13.93 -23.09 -13.33
C ALA C 25 14.36 -23.06 -14.79
N GLU C 26 13.39 -23.23 -15.71
CA GLU C 26 13.73 -23.22 -17.14
C GLU C 26 14.29 -21.88 -17.56
N ILE C 27 13.60 -20.80 -17.20
CA ILE C 27 14.06 -19.46 -17.59
C ILE C 27 15.40 -19.16 -16.94
N PHE C 28 15.60 -19.58 -15.68
CA PHE C 28 16.88 -19.36 -15.03
C PHE C 28 18.01 -20.09 -15.75
N ALA C 29 17.77 -21.35 -16.12
CA ALA C 29 18.80 -22.10 -16.83
C ALA C 29 19.10 -21.47 -18.19
N GLN C 30 18.05 -21.03 -18.91
CA GLN C 30 18.27 -20.36 -20.19
C GLN C 30 19.12 -19.11 -20.03
N GLN C 31 19.08 -18.48 -18.86
CA GLN C 31 19.84 -17.28 -18.60
C GLN C 31 21.22 -17.56 -18.01
N GLY C 32 21.65 -18.82 -18.03
CA GLY C 32 23.02 -19.16 -17.65
C GLY C 32 23.21 -19.66 -16.24
N ALA C 33 22.13 -19.82 -15.47
CA ALA C 33 22.27 -20.25 -14.08
C ALA C 33 22.29 -21.77 -13.99
N LYS C 34 22.95 -22.27 -12.96
CA LYS C 34 22.83 -23.67 -12.55
C LYS C 34 21.75 -23.75 -11.48
N VAL C 35 20.79 -24.63 -11.69
CA VAL C 35 19.57 -24.68 -10.88
C VAL C 35 19.56 -25.91 -10.01
N ILE C 36 19.20 -25.73 -8.74
CA ILE C 36 18.98 -26.82 -7.79
C ILE C 36 17.48 -26.87 -7.53
N ILE C 37 16.83 -27.92 -8.00
CA ILE C 37 15.40 -28.10 -7.77
C ILE C 37 15.22 -28.91 -6.50
N VAL C 38 14.42 -28.39 -5.57
CA VAL C 38 14.10 -29.06 -4.31
C VAL C 38 12.61 -29.27 -4.26
N ASP C 39 12.19 -30.53 -4.18
CA ASP C 39 10.77 -30.87 -4.15
C ASP C 39 10.61 -32.15 -3.33
N LEU C 40 9.39 -32.67 -3.27
CA LEU C 40 9.09 -33.79 -2.38
C LEU C 40 9.63 -35.12 -2.90
N ASP C 41 9.64 -35.32 -4.21
CA ASP C 41 10.01 -36.60 -4.81
C ASP C 41 11.39 -36.48 -5.46
N LEU C 42 12.31 -37.34 -5.05
CA LEU C 42 13.67 -37.28 -5.58
C LEU C 42 13.70 -37.54 -7.08
N ALA C 43 13.05 -38.62 -7.53
CA ALA C 43 13.05 -38.94 -8.95
C ALA C 43 12.44 -37.82 -9.78
N GLN C 44 11.31 -37.28 -9.33
CA GLN C 44 10.66 -36.18 -10.04
C GLN C 44 11.56 -34.96 -10.09
N SER C 45 12.26 -34.67 -8.98
CA SER C 45 13.15 -33.51 -8.95
C SER C 45 14.38 -33.73 -9.83
N GLN C 46 14.95 -34.94 -9.80
CA GLN C 46 16.10 -35.23 -10.64
C GLN C 46 15.73 -35.15 -12.12
N ASN C 47 14.58 -35.71 -12.50
CA ASN C 47 14.17 -35.67 -13.90
C ASN C 47 13.94 -34.24 -14.37
N ALA C 48 13.37 -33.40 -13.50
CA ALA C 48 13.17 -32.00 -13.86
C ALA C 48 14.49 -31.29 -14.07
N ALA C 49 15.48 -31.58 -13.22
CA ALA C 49 16.77 -30.92 -13.35
C ALA C 49 17.47 -31.33 -14.65
N LYS C 50 17.45 -32.62 -14.98
CA LYS C 50 18.08 -33.08 -16.21
C LYS C 50 17.37 -32.54 -17.45
N ALA C 51 16.07 -32.24 -17.33
CA ALA C 51 15.34 -31.63 -18.44
C ALA C 51 15.80 -30.20 -18.70
N LEU C 52 16.37 -29.52 -17.70
CA LEU C 52 16.86 -28.16 -17.91
C LEU C 52 18.11 -28.15 -18.78
N GLY C 53 18.92 -29.18 -18.69
CA GLY C 53 20.19 -29.26 -19.41
C GLY C 53 21.22 -30.01 -18.58
N GLU C 54 22.47 -29.58 -18.70
CA GLU C 54 23.58 -30.19 -17.98
C GLU C 54 24.03 -29.29 -16.85
N GLY C 55 24.53 -29.92 -15.78
CA GLY C 55 25.09 -29.21 -14.66
C GLY C 55 24.10 -28.79 -13.59
N HIS C 56 22.86 -29.25 -13.66
CA HIS C 56 21.84 -28.92 -12.67
C HIS C 56 21.68 -30.08 -11.70
N MET C 57 20.89 -29.84 -10.64
CA MET C 57 20.75 -30.80 -9.56
C MET C 57 19.31 -30.86 -9.08
N GLY C 58 18.87 -32.06 -8.75
CA GLY C 58 17.56 -32.27 -8.16
C GLY C 58 17.66 -32.94 -6.82
N LEU C 59 17.05 -32.36 -5.79
CA LEU C 59 17.10 -32.88 -4.43
C LEU C 59 15.69 -33.03 -3.89
N ALA C 60 15.56 -33.91 -2.90
CA ALA C 60 14.28 -34.17 -2.26
C ALA C 60 14.31 -33.63 -0.83
N ALA C 61 13.30 -32.85 -0.48
CA ALA C 61 13.18 -32.31 0.86
C ALA C 61 11.81 -31.70 1.06
N ASN C 62 11.23 -31.90 2.24
CA ASN C 62 10.04 -31.19 2.66
C ASN C 62 10.48 -29.89 3.31
N VAL C 63 10.11 -28.76 2.71
CA VAL C 63 10.60 -27.46 3.18
C VAL C 63 10.22 -27.20 4.63
N ALA C 64 9.22 -27.91 5.15
CA ALA C 64 8.82 -27.77 6.54
C ALA C 64 9.55 -28.72 7.47
N ASN C 65 10.51 -29.49 6.96
CA ASN C 65 11.29 -30.43 7.77
C ASN C 65 12.72 -29.90 7.85
N GLU C 66 13.09 -29.37 9.02
CA GLU C 66 14.37 -28.69 9.18
C GLU C 66 15.53 -29.58 8.73
N GLU C 67 15.61 -30.80 9.26
CA GLU C 67 16.78 -31.64 9.00
C GLU C 67 16.87 -32.05 7.54
N GLN C 68 15.72 -32.27 6.89
CA GLN C 68 15.75 -32.57 5.46
C GLN C 68 16.27 -31.39 4.65
N VAL C 69 15.85 -30.18 5.02
CA VAL C 69 16.31 -29.00 4.30
C VAL C 69 17.81 -28.81 4.49
N LYS C 70 18.29 -28.93 5.74
CA LYS C 70 19.72 -28.74 5.99
C LYS C 70 20.54 -29.75 5.21
N ALA C 71 20.06 -30.99 5.11
CA ALA C 71 20.79 -32.01 4.36
C ALA C 71 20.85 -31.65 2.87
N ALA C 72 19.72 -31.22 2.31
CA ALA C 72 19.70 -30.85 0.89
C ALA C 72 20.58 -29.64 0.63
N VAL C 73 20.55 -28.64 1.51
CA VAL C 73 21.36 -27.45 1.31
C VAL C 73 22.85 -27.80 1.41
N GLU C 74 23.22 -28.67 2.36
CA GLU C 74 24.60 -29.10 2.46
C GLU C 74 25.05 -29.79 1.18
N GLN C 75 24.22 -30.68 0.64
CA GLN C 75 24.59 -31.40 -0.58
C GLN C 75 24.75 -30.43 -1.75
N ALA C 76 23.92 -29.39 -1.81
CA ALA C 76 24.04 -28.41 -2.88
C ALA C 76 25.30 -27.57 -2.71
N LEU C 77 25.61 -27.15 -1.49
CA LEU C 77 26.80 -26.34 -1.27
C LEU C 77 28.07 -27.14 -1.51
N GLN C 78 28.06 -28.42 -1.16
CA GLN C 78 29.25 -29.24 -1.39
C GLN C 78 29.56 -29.36 -2.88
N HIS C 79 28.52 -29.38 -3.72
CA HIS C 79 28.72 -29.54 -5.15
C HIS C 79 29.04 -28.21 -5.83
N TYR C 80 28.25 -27.17 -5.52
CA TYR C 80 28.39 -25.89 -6.20
C TYR C 80 29.22 -24.88 -5.42
N GLY C 81 29.40 -25.07 -4.12
CA GLY C 81 30.20 -24.17 -3.32
C GLY C 81 29.53 -22.87 -2.92
N LYS C 82 28.34 -22.57 -3.45
CA LYS C 82 27.64 -21.36 -3.08
C LYS C 82 26.23 -21.42 -3.64
N ILE C 83 25.34 -20.63 -3.04
CA ILE C 83 23.98 -20.44 -3.52
C ILE C 83 23.77 -18.94 -3.64
N ASP C 84 23.70 -18.44 -4.88
CA ASP C 84 23.53 -17.01 -5.12
C ASP C 84 22.08 -16.59 -4.99
N ILE C 85 21.15 -17.46 -5.35
CA ILE C 85 19.74 -17.12 -5.46
C ILE C 85 18.92 -18.20 -4.79
N LEU C 86 17.91 -17.78 -4.03
CA LEU C 86 16.95 -18.70 -3.41
C LEU C 86 15.55 -18.24 -3.82
N ILE C 87 14.80 -19.14 -4.46
CA ILE C 87 13.42 -18.88 -4.83
C ILE C 87 12.54 -19.76 -3.95
N ASN C 88 11.86 -19.15 -2.98
CA ASN C 88 10.97 -19.87 -2.07
C ASN C 88 9.60 -19.99 -2.73
N ASN C 89 9.52 -20.90 -3.70
CA ASN C 89 8.31 -21.05 -4.50
C ASN C 89 7.36 -22.12 -3.97
N ALA C 90 7.86 -23.04 -3.14
CA ALA C 90 7.01 -24.11 -2.62
C ALA C 90 5.80 -23.52 -1.89
N GLY C 91 4.63 -24.06 -2.18
CA GLY C 91 3.40 -23.61 -1.55
C GLY C 91 2.21 -24.44 -1.95
N ILE C 92 1.22 -24.55 -1.07
CA ILE C 92 -0.01 -25.26 -1.35
C ILE C 92 -1.18 -24.34 -1.02
N THR C 93 -2.31 -24.60 -1.66
CA THR C 93 -3.52 -23.83 -1.44
C THR C 93 -4.67 -24.77 -1.13
N GLN C 94 -5.74 -24.20 -0.60
CA GLN C 94 -6.92 -24.96 -0.21
C GLN C 94 -8.14 -24.06 -0.28
N PRO C 95 -9.14 -24.38 -1.11
CA PRO C 95 -10.32 -23.49 -1.24
C PRO C 95 -11.41 -23.80 -0.22
N ILE C 96 -11.12 -23.54 1.05
CA ILE C 96 -12.09 -23.70 2.13
C ILE C 96 -12.30 -22.35 2.81
N LYS C 97 -13.51 -22.12 3.28
CA LYS C 97 -13.89 -20.83 3.84
C LYS C 97 -13.57 -20.77 5.33
N THR C 98 -13.70 -19.57 5.89
CA THR C 98 -13.20 -19.29 7.24
C THR C 98 -13.65 -20.33 8.25
N LEU C 99 -14.97 -20.56 8.35
CA LEU C 99 -15.50 -21.40 9.40
C LEU C 99 -15.18 -22.88 9.23
N ASP C 100 -14.68 -23.28 8.06
CA ASP C 100 -14.36 -24.68 7.79
C ASP C 100 -12.89 -25.00 7.94
N ILE C 101 -12.05 -24.01 8.27
CA ILE C 101 -10.62 -24.25 8.42
C ILE C 101 -10.37 -25.00 9.72
N GLN C 102 -9.82 -26.21 9.60
CA GLN C 102 -9.46 -27.02 10.76
C GLN C 102 -7.97 -26.82 11.08
N ARG C 103 -7.60 -27.26 12.29
CA ARG C 103 -6.21 -27.15 12.71
C ARG C 103 -5.25 -27.75 11.69
N SER C 104 -5.60 -28.92 11.14
CA SER C 104 -4.72 -29.58 10.19
C SER C 104 -4.64 -28.81 8.88
N ASP C 105 -5.74 -28.17 8.46
CA ASP C 105 -5.70 -27.32 7.27
C ASP C 105 -4.77 -26.13 7.47
N TYR C 106 -4.97 -25.41 8.58
CA TYR C 106 -4.09 -24.30 8.93
C TYR C 106 -2.63 -24.74 8.93
N ASP C 107 -2.32 -25.85 9.60
CA ASP C 107 -0.95 -26.31 9.73
C ASP C 107 -0.34 -26.63 8.37
N ARG C 108 -1.08 -27.36 7.53
CA ARG C 108 -0.54 -27.79 6.24
C ARG C 108 -0.22 -26.59 5.35
N VAL C 109 -1.14 -25.62 5.30
CA VAL C 109 -0.95 -24.48 4.41
C VAL C 109 0.15 -23.56 4.94
N LEU C 110 0.11 -23.28 6.25
CA LEU C 110 1.14 -22.41 6.82
C LEU C 110 2.52 -23.06 6.77
N ASP C 111 2.60 -24.38 6.91
CA ASP C 111 3.90 -25.04 6.97
C ASP C 111 4.67 -24.91 5.66
N VAL C 112 3.99 -25.11 4.53
CA VAL C 112 4.70 -25.10 3.26
C VAL C 112 5.13 -23.69 2.88
N SER C 113 4.21 -22.72 2.99
CA SER C 113 4.51 -21.36 2.57
C SER C 113 5.35 -20.61 3.60
N LEU C 114 4.85 -20.51 4.83
CA LEU C 114 5.50 -19.63 5.80
C LEU C 114 6.67 -20.34 6.49
N ARG C 115 6.41 -21.44 7.19
CA ARG C 115 7.49 -22.14 7.88
C ARG C 115 8.55 -22.60 6.87
N GLY C 116 8.11 -23.09 5.71
CA GLY C 116 9.06 -23.50 4.69
C GLY C 116 9.96 -22.37 4.23
N THR C 117 9.38 -21.19 4.00
CA THR C 117 10.20 -20.04 3.60
C THR C 117 11.21 -19.69 4.68
N LEU C 118 10.80 -19.74 5.94
CA LEU C 118 11.72 -19.47 7.04
C LEU C 118 12.82 -20.52 7.11
N ILE C 119 12.44 -21.80 7.05
CA ILE C 119 13.42 -22.87 7.21
C ILE C 119 14.43 -22.85 6.06
N MET C 120 13.94 -22.70 4.83
CA MET C 120 14.86 -22.67 3.69
C MET C 120 15.75 -21.45 3.73
N SER C 121 15.19 -20.29 4.09
CA SER C 121 16.00 -19.08 4.20
C SER C 121 17.04 -19.21 5.30
N GLN C 122 16.66 -19.80 6.43
CA GLN C 122 17.62 -20.02 7.51
C GLN C 122 18.78 -20.89 7.06
N ALA C 123 18.51 -21.88 6.19
CA ALA C 123 19.53 -22.82 5.77
C ALA C 123 20.48 -22.23 4.74
N VAL C 124 20.06 -21.23 3.98
CA VAL C 124 20.85 -20.69 2.88
C VAL C 124 21.55 -19.41 3.29
N ILE C 125 20.97 -18.68 4.24
CA ILE C 125 21.49 -17.35 4.58
C ILE C 125 22.92 -17.42 5.08
N PRO C 126 23.32 -18.38 5.92
CA PRO C 126 24.73 -18.39 6.37
C PRO C 126 25.74 -18.42 5.23
N SER C 127 25.49 -19.23 4.20
CA SER C 127 26.40 -19.27 3.06
C SER C 127 26.37 -17.97 2.28
N MET C 128 25.20 -17.34 2.17
CA MET C 128 25.11 -16.06 1.47
C MET C 128 25.91 -14.98 2.19
N LYS C 129 25.85 -14.96 3.52
CA LYS C 129 26.67 -14.02 4.27
C LYS C 129 28.15 -14.27 4.04
N ALA C 130 28.56 -15.54 4.04
CA ALA C 130 29.97 -15.86 3.83
C ALA C 130 30.42 -15.55 2.41
N ASN C 131 29.50 -15.60 1.44
CA ASN C 131 29.83 -15.34 0.04
C ASN C 131 29.66 -13.89 -0.36
N GLY C 132 29.26 -13.02 0.56
CA GLY C 132 29.17 -11.60 0.28
C GLY C 132 27.83 -11.11 -0.20
N GLY C 133 26.81 -11.95 -0.23
CA GLY C 133 25.48 -11.49 -0.57
C GLY C 133 24.71 -12.56 -1.32
N GLY C 134 23.51 -12.18 -1.72
CA GLY C 134 22.62 -13.07 -2.45
C GLY C 134 21.29 -12.41 -2.67
N SER C 135 20.37 -13.16 -3.28
CA SER C 135 19.03 -12.67 -3.56
C SER C 135 18.03 -13.75 -3.21
N ILE C 136 17.11 -13.43 -2.31
CA ILE C 136 16.04 -14.34 -1.90
C ILE C 136 14.72 -13.78 -2.42
N VAL C 137 13.98 -14.61 -3.15
CA VAL C 137 12.67 -14.25 -3.68
C VAL C 137 11.63 -15.13 -3.02
N CYS C 138 10.63 -14.51 -2.41
CA CYS C 138 9.56 -15.22 -1.73
C CYS C 138 8.28 -15.12 -2.54
N LEU C 139 7.52 -16.20 -2.59
CA LEU C 139 6.28 -16.27 -3.35
C LEU C 139 5.11 -15.98 -2.43
N SER C 140 4.47 -14.84 -2.63
CA SER C 140 3.26 -14.49 -1.92
C SER C 140 2.07 -14.65 -2.86
N SER C 141 1.07 -13.78 -2.75
CA SER C 141 -0.11 -13.86 -3.59
C SER C 141 -0.91 -12.58 -3.45
N VAL C 142 -1.63 -12.22 -4.51
CA VAL C 142 -2.56 -11.11 -4.43
C VAL C 142 -3.60 -11.35 -3.34
N SER C 143 -3.89 -12.63 -3.05
CA SER C 143 -4.83 -12.93 -1.97
C SER C 143 -4.36 -12.39 -0.64
N ALA C 144 -3.04 -12.29 -0.44
CA ALA C 144 -2.51 -11.72 0.79
C ALA C 144 -2.77 -10.23 0.89
N GLN C 145 -3.02 -9.56 -0.23
CA GLN C 145 -3.22 -8.12 -0.28
C GLN C 145 -4.70 -7.72 -0.32
N ARG C 146 -5.49 -8.39 -1.15
CA ARG C 146 -6.88 -8.02 -1.35
C ARG C 146 -7.84 -8.83 -0.48
N GLY C 147 -7.35 -9.80 0.29
CA GLY C 147 -8.22 -10.59 1.13
C GLY C 147 -8.87 -11.73 0.39
N GLY C 148 -8.06 -12.53 -0.29
CA GLY C 148 -8.57 -13.71 -0.97
C GLY C 148 -9.59 -13.36 -2.03
N GLY C 149 -10.63 -14.19 -2.13
CA GLY C 149 -11.63 -14.04 -3.15
C GLY C 149 -11.29 -14.63 -4.50
N ILE C 150 -10.14 -15.28 -4.64
CA ILE C 150 -9.72 -15.86 -5.91
C ILE C 150 -9.91 -17.35 -5.87
N PHE C 151 -9.20 -18.03 -4.98
CA PHE C 151 -9.30 -19.47 -4.83
C PHE C 151 -8.91 -19.93 -3.43
N GLY C 152 -7.71 -19.57 -2.98
CA GLY C 152 -7.26 -20.00 -1.67
C GLY C 152 -8.09 -19.37 -0.55
N GLY C 153 -8.30 -20.15 0.51
CA GLY C 153 -9.08 -19.70 1.64
C GLY C 153 -8.31 -18.72 2.51
N PRO C 154 -8.97 -18.26 3.58
CA PRO C 154 -8.34 -17.24 4.44
C PRO C 154 -7.02 -17.67 5.04
N HIS C 155 -6.84 -18.95 5.34
CA HIS C 155 -5.55 -19.42 5.86
C HIS C 155 -4.47 -19.36 4.79
N TYR C 156 -4.83 -19.48 3.52
CA TYR C 156 -3.87 -19.25 2.45
C TYR C 156 -3.52 -17.76 2.34
N SER C 157 -4.53 -16.89 2.39
CA SER C 157 -4.26 -15.46 2.41
C SER C 157 -3.37 -15.10 3.59
N ALA C 158 -3.62 -15.70 4.76
CA ALA C 158 -2.82 -15.40 5.94
C ALA C 158 -1.39 -15.90 5.78
N ALA C 159 -1.21 -17.12 5.26
CA ALA C 159 0.13 -17.65 5.07
C ALA C 159 0.95 -16.78 4.13
N LYS C 160 0.35 -16.39 3.01
CA LYS C 160 1.07 -15.60 2.02
C LYS C 160 1.31 -14.17 2.50
N ALA C 161 0.42 -13.65 3.36
CA ALA C 161 0.68 -12.36 3.98
C ALA C 161 1.82 -12.47 5.00
N GLY C 162 1.85 -13.56 5.77
CA GLY C 162 2.97 -13.80 6.66
C GLY C 162 4.29 -13.88 5.93
N VAL C 163 4.29 -14.44 4.73
CA VAL C 163 5.50 -14.48 3.91
C VAL C 163 6.00 -13.06 3.64
N LEU C 164 5.10 -12.14 3.34
CA LEU C 164 5.49 -10.76 3.08
C LEU C 164 6.13 -10.15 4.33
N GLY C 165 5.51 -10.36 5.49
CA GLY C 165 6.09 -9.84 6.72
C GLY C 165 7.46 -10.43 7.00
N LEU C 166 7.59 -11.74 6.82
CA LEU C 166 8.88 -12.39 7.01
C LEU C 166 9.92 -11.86 6.04
N ALA C 167 9.55 -11.77 4.75
CA ALA C 167 10.48 -11.30 3.74
C ALA C 167 10.99 -9.90 4.05
N LYS C 168 10.08 -9.00 4.44
CA LYS C 168 10.49 -7.63 4.73
C LYS C 168 11.37 -7.56 5.96
N ALA C 169 11.07 -8.40 6.96
CA ALA C 169 11.92 -8.44 8.15
C ALA C 169 13.31 -8.94 7.83
N MET C 170 13.42 -10.00 7.01
CA MET C 170 14.74 -10.48 6.62
C MET C 170 15.46 -9.48 5.73
N ALA C 171 14.72 -8.77 4.87
CA ALA C 171 15.33 -7.72 4.06
C ALA C 171 16.03 -6.69 4.93
N ARG C 172 15.35 -6.25 6.00
CA ARG C 172 15.94 -5.24 6.86
C ARG C 172 17.11 -5.79 7.66
N GLU C 173 17.01 -7.04 8.14
CA GLU C 173 18.07 -7.58 8.98
C GLU C 173 19.36 -7.80 8.20
N PHE C 174 19.26 -8.24 6.95
CA PHE C 174 20.42 -8.68 6.19
C PHE C 174 20.80 -7.73 5.06
N GLY C 175 20.25 -6.51 5.04
CA GLY C 175 20.67 -5.54 4.05
C GLY C 175 22.16 -5.26 4.10
N GLY C 176 22.71 -5.14 5.30
CA GLY C 176 24.13 -4.89 5.45
C GLY C 176 25.00 -6.01 4.94
N ASP C 177 24.46 -7.22 4.86
CA ASP C 177 25.16 -8.35 4.28
C ASP C 177 24.94 -8.47 2.77
N GLN C 178 24.24 -7.50 2.17
CA GLN C 178 23.95 -7.53 0.74
C GLN C 178 23.14 -8.75 0.35
N ILE C 179 22.28 -9.21 1.24
CA ILE C 179 21.31 -10.26 0.95
C ILE C 179 19.99 -9.55 0.69
N ARG C 180 19.62 -9.44 -0.58
CA ARG C 180 18.35 -8.83 -0.95
C ARG C 180 17.22 -9.84 -0.77
N VAL C 181 16.10 -9.38 -0.21
CA VAL C 181 14.93 -10.21 0.02
C VAL C 181 13.73 -9.46 -0.52
N ASN C 182 13.05 -10.05 -1.50
CA ASN C 182 11.88 -9.44 -2.13
C ASN C 182 10.82 -10.51 -2.32
N SER C 183 9.60 -10.05 -2.56
CA SER C 183 8.45 -10.93 -2.68
C SER C 183 7.70 -10.67 -3.98
N LEU C 184 7.13 -11.75 -4.52
CA LEU C 184 6.24 -11.69 -5.66
C LEU C 184 4.81 -11.94 -5.18
N THR C 185 3.87 -11.17 -5.71
CA THR C 185 2.45 -11.32 -5.40
C THR C 185 1.70 -11.60 -6.70
N PRO C 186 1.75 -12.84 -7.18
CA PRO C 186 1.04 -13.16 -8.43
C PRO C 186 -0.46 -13.09 -8.26
N GLY C 187 -1.13 -12.71 -9.35
CA GLY C 187 -2.58 -12.74 -9.37
C GLY C 187 -3.11 -14.11 -9.70
N LEU C 188 -4.10 -14.20 -10.59
CA LEU C 188 -4.65 -15.47 -11.03
C LEU C 188 -3.81 -15.98 -12.19
N ILE C 189 -3.01 -17.02 -11.93
CA ILE C 189 -2.06 -17.56 -12.89
C ILE C 189 -2.59 -18.88 -13.42
N GLN C 190 -2.41 -19.11 -14.72
CA GLN C 190 -2.89 -20.32 -15.38
C GLN C 190 -1.96 -21.48 -15.03
N THR C 191 -2.38 -22.32 -14.10
CA THR C 191 -1.67 -23.55 -13.76
C THR C 191 -2.71 -24.64 -13.54
N ASP C 192 -2.25 -25.80 -13.09
CA ASP C 192 -3.16 -26.92 -12.81
C ASP C 192 -3.94 -26.68 -11.53
N MET C 198 -11.17 -22.56 -14.04
CA MET C 198 -11.49 -21.88 -15.30
C MET C 198 -12.68 -22.54 -15.98
N ASN C 199 -13.26 -23.54 -15.32
CA ASN C 199 -14.45 -24.23 -15.82
C ASN C 199 -15.72 -23.80 -15.10
N ASP C 200 -15.63 -22.83 -14.19
CA ASP C 200 -16.76 -22.36 -13.42
C ASP C 200 -17.22 -21.00 -13.93
N ASP C 201 -18.49 -20.69 -13.71
CA ASP C 201 -19.02 -19.39 -14.09
C ASP C 201 -18.34 -18.25 -13.36
N ARG C 202 -17.69 -18.53 -12.22
CA ARG C 202 -17.01 -17.50 -11.46
C ARG C 202 -15.78 -16.95 -12.17
N ARG C 203 -15.36 -17.57 -13.27
CA ARG C 203 -14.20 -17.08 -14.00
C ARG C 203 -14.51 -15.75 -14.70
N HIS C 204 -15.74 -15.61 -15.22
CA HIS C 204 -16.10 -14.39 -15.92
C HIS C 204 -15.96 -13.17 -15.03
N ASP C 205 -16.40 -13.26 -13.77
CA ASP C 205 -16.33 -12.12 -12.87
C ASP C 205 -14.88 -11.77 -12.57
N ILE C 206 -14.06 -12.77 -12.24
CA ILE C 206 -12.65 -12.51 -11.94
C ILE C 206 -11.96 -11.89 -13.16
N LEU C 207 -12.13 -12.53 -14.33
CA LEU C 207 -11.47 -12.04 -15.53
C LEU C 207 -11.94 -10.63 -15.89
N ALA C 208 -13.22 -10.33 -15.65
CA ALA C 208 -13.73 -8.99 -15.92
C ALA C 208 -13.04 -7.93 -15.07
N GLY C 209 -12.44 -8.32 -13.95
CA GLY C 209 -11.72 -7.41 -13.09
C GLY C 209 -10.24 -7.31 -13.37
N ILE C 210 -9.76 -7.92 -14.47
CA ILE C 210 -8.36 -7.87 -14.85
C ILE C 210 -8.24 -6.92 -16.03
N PRO C 211 -7.68 -5.71 -15.86
CA PRO C 211 -7.60 -4.76 -16.99
C PRO C 211 -6.92 -5.32 -18.23
N LEU C 212 -5.83 -6.09 -18.06
CA LEU C 212 -5.17 -6.68 -19.22
C LEU C 212 -6.01 -7.76 -19.88
N GLY C 213 -7.09 -8.22 -19.24
CA GLY C 213 -8.06 -9.07 -19.91
C GLY C 213 -7.63 -10.49 -20.14
N ARG C 214 -6.69 -11.01 -19.34
CA ARG C 214 -6.26 -12.39 -19.46
C ARG C 214 -5.73 -12.86 -18.12
N LEU C 215 -5.66 -14.18 -17.96
CA LEU C 215 -5.00 -14.76 -16.81
C LEU C 215 -3.49 -14.70 -16.99
N GLY C 216 -2.77 -14.72 -15.87
CA GLY C 216 -1.34 -14.78 -15.93
C GLY C 216 -0.85 -16.17 -16.33
N LYS C 217 0.39 -16.21 -16.79
CA LYS C 217 1.05 -17.46 -17.14
C LYS C 217 2.23 -17.69 -16.20
N ALA C 218 2.57 -18.96 -16.01
CA ALA C 218 3.72 -19.29 -15.17
C ALA C 218 4.96 -18.52 -15.60
N GLN C 219 5.12 -18.29 -16.91
CA GLN C 219 6.29 -17.58 -17.41
C GLN C 219 6.27 -16.11 -16.97
N ASP C 220 5.08 -15.54 -16.76
CA ASP C 220 5.00 -14.16 -16.28
C ASP C 220 5.62 -14.05 -14.89
N VAL C 221 5.30 -14.98 -14.00
CA VAL C 221 5.85 -14.94 -12.65
C VAL C 221 7.34 -15.28 -12.68
N ALA C 222 7.72 -16.23 -13.54
CA ALA C 222 9.13 -16.60 -13.66
C ALA C 222 9.98 -15.42 -14.12
N ASN C 223 9.45 -14.60 -15.04
CA ASN C 223 10.20 -13.44 -15.51
C ASN C 223 10.37 -12.39 -14.42
N ALA C 224 9.37 -12.24 -13.54
CA ALA C 224 9.51 -11.33 -12.42
C ALA C 224 10.53 -11.86 -11.41
N ALA C 225 10.52 -13.17 -11.18
CA ALA C 225 11.54 -13.77 -10.32
C ALA C 225 12.93 -13.59 -10.92
N LEU C 226 13.05 -13.72 -12.24
CA LEU C 226 14.33 -13.48 -12.90
C LEU C 226 14.82 -12.06 -12.64
N PHE C 227 13.93 -11.07 -12.77
CA PHE C 227 14.30 -9.69 -12.50
C PHE C 227 14.82 -9.53 -11.07
N LEU C 228 14.09 -10.07 -10.08
CA LEU C 228 14.50 -9.93 -8.69
C LEU C 228 15.75 -10.75 -8.38
N ALA C 229 15.98 -11.84 -9.12
CA ALA C 229 17.17 -12.65 -8.88
C ALA C 229 18.41 -12.06 -9.53
N SER C 230 18.24 -11.28 -10.60
CA SER C 230 19.35 -10.77 -11.39
C SER C 230 19.87 -9.45 -10.83
N ASP C 231 20.97 -8.98 -11.41
CA ASP C 231 21.53 -7.68 -11.05
C ASP C 231 20.70 -6.52 -11.57
N LEU C 232 19.68 -6.78 -12.40
CA LEU C 232 18.78 -5.71 -12.82
C LEU C 232 18.02 -5.10 -11.64
N SER C 233 17.97 -5.80 -10.51
CA SER C 233 17.27 -5.32 -9.32
C SER C 233 18.22 -5.16 -8.15
N ALA C 234 19.48 -4.82 -8.44
CA ALA C 234 20.53 -4.80 -7.41
C ALA C 234 20.22 -3.83 -6.28
N TYR C 235 19.37 -2.82 -6.52
CA TYR C 235 19.06 -1.82 -5.49
C TYR C 235 17.67 -2.03 -4.89
N LEU C 236 17.07 -3.20 -5.11
CA LEU C 236 15.74 -3.50 -4.60
C LEU C 236 15.85 -4.51 -3.46
N THR C 237 15.31 -4.14 -2.30
CA THR C 237 15.14 -5.09 -1.20
C THR C 237 13.91 -4.68 -0.41
N GLY C 238 13.23 -5.69 0.15
CA GLY C 238 11.99 -5.45 0.85
C GLY C 238 10.83 -5.08 -0.05
N VAL C 239 10.96 -5.29 -1.35
CA VAL C 239 9.94 -4.92 -2.31
C VAL C 239 8.90 -6.02 -2.43
N THR C 240 7.66 -5.62 -2.68
CA THR C 240 6.57 -6.53 -3.04
C THR C 240 6.18 -6.21 -4.48
N LEU C 241 6.43 -7.14 -5.39
CA LEU C 241 6.27 -6.92 -6.82
C LEU C 241 5.01 -7.63 -7.29
N ASP C 242 3.97 -6.84 -7.62
CA ASP C 242 2.69 -7.38 -8.05
C ASP C 242 2.78 -7.91 -9.49
N VAL C 243 2.28 -9.12 -9.70
CA VAL C 243 2.20 -9.71 -11.03
C VAL C 243 0.77 -10.20 -11.24
N ASN C 244 -0.17 -9.27 -11.44
CA ASN C 244 -1.59 -9.59 -11.40
C ASN C 244 -2.38 -8.98 -12.55
N GLY C 245 -1.72 -8.43 -13.57
CA GLY C 245 -2.42 -7.90 -14.72
C GLY C 245 -3.34 -6.74 -14.43
N GLY C 246 -3.14 -6.07 -13.30
CA GLY C 246 -4.02 -4.99 -12.88
C GLY C 246 -5.19 -5.42 -12.04
N MET C 247 -5.29 -6.71 -11.72
CA MET C 247 -6.38 -7.19 -10.86
C MET C 247 -6.42 -6.41 -9.56
N LEU C 248 -5.27 -6.03 -9.02
CA LEU C 248 -5.18 -5.19 -7.85
C LEU C 248 -4.25 -4.04 -8.17
N ILE C 249 -4.82 -2.85 -8.34
CA ILE C 249 -4.06 -1.60 -8.47
C ILE C 249 -4.26 -0.84 -7.18
N HIS C 250 -3.16 -0.44 -6.55
CA HIS C 250 -3.23 0.19 -5.24
C HIS C 250 -2.03 1.12 -5.02
N MET D 2 18.09 -9.34 -28.09
CA MET D 2 18.12 -8.57 -26.82
C MET D 2 16.70 -8.27 -26.34
N LEU D 3 16.57 -7.73 -25.13
CA LEU D 3 15.26 -7.59 -24.50
C LEU D 3 14.36 -6.63 -25.29
N LEU D 4 14.94 -5.60 -25.90
CA LEU D 4 14.17 -4.61 -26.65
C LEU D 4 14.45 -4.68 -28.14
N GLN D 5 14.70 -5.88 -28.65
CA GLN D 5 14.96 -6.06 -30.07
C GLN D 5 13.81 -5.52 -30.91
N GLY D 6 14.14 -4.67 -31.88
CA GLY D 6 13.15 -4.14 -32.79
C GLY D 6 12.14 -3.19 -32.19
N LYS D 7 12.37 -2.72 -30.97
CA LYS D 7 11.45 -1.82 -30.29
C LYS D 7 11.92 -0.37 -30.46
N VAL D 8 10.94 0.54 -30.42
CA VAL D 8 11.20 1.97 -30.47
C VAL D 8 10.73 2.58 -29.15
N ALA D 9 11.61 3.32 -28.49
CA ALA D 9 11.34 3.91 -27.19
C ALA D 9 11.57 5.41 -27.24
N LEU D 10 10.62 6.16 -26.71
CA LEU D 10 10.73 7.60 -26.56
C LEU D 10 10.97 7.91 -25.08
N ILE D 11 12.06 8.61 -24.79
CA ILE D 11 12.46 8.92 -23.41
C ILE D 11 12.57 10.44 -23.30
N THR D 12 11.75 11.02 -22.42
CA THR D 12 11.79 12.45 -22.17
C THR D 12 12.84 12.76 -21.10
N GLY D 13 13.48 13.93 -21.25
CA GLY D 13 14.48 14.37 -20.29
C GLY D 13 15.74 13.52 -20.23
N ALA D 14 16.17 12.99 -21.37
CA ALA D 14 17.33 12.11 -21.42
C ALA D 14 18.56 12.77 -22.05
N ALA D 15 18.61 14.11 -22.04
CA ALA D 15 19.72 14.83 -22.66
C ALA D 15 20.88 15.05 -21.69
N SER D 16 20.61 15.10 -20.38
CA SER D 16 21.68 15.30 -19.41
C SER D 16 22.54 14.03 -19.32
N GLU D 17 23.86 14.22 -19.33
CA GLU D 17 24.76 13.07 -19.39
C GLU D 17 24.70 12.21 -18.14
N ARG D 18 24.38 12.81 -16.99
CA ARG D 18 24.39 12.09 -15.71
C ARG D 18 22.99 11.71 -15.24
N GLY D 19 21.96 11.99 -16.02
CA GLY D 19 20.60 11.76 -15.56
C GLY D 19 20.13 10.34 -15.74
N ILE D 20 19.01 10.03 -15.08
CA ILE D 20 18.38 8.72 -15.24
C ILE D 20 17.94 8.52 -16.68
N GLY D 21 17.50 9.60 -17.34
CA GLY D 21 17.01 9.48 -18.70
C GLY D 21 18.09 9.01 -19.65
N ARG D 22 19.27 9.60 -19.56
CA ARG D 22 20.38 9.18 -20.43
C ARG D 22 20.80 7.75 -20.13
N ALA D 23 20.89 7.40 -18.84
CA ALA D 23 21.25 6.03 -18.48
C ALA D 23 20.24 5.03 -19.03
N THR D 24 18.96 5.39 -19.01
CA THR D 24 17.92 4.53 -19.58
C THR D 24 18.07 4.44 -21.09
N ALA D 25 18.34 5.57 -21.75
CA ALA D 25 18.53 5.55 -23.20
C ALA D 25 19.70 4.66 -23.59
N GLU D 26 20.79 4.71 -22.82
CA GLU D 26 21.96 3.89 -23.14
C GLU D 26 21.65 2.41 -22.97
N ILE D 27 21.07 2.03 -21.83
CA ILE D 27 20.75 0.63 -21.60
C ILE D 27 19.70 0.14 -22.60
N PHE D 28 18.74 1.01 -22.95
CA PHE D 28 17.76 0.62 -23.95
C PHE D 28 18.42 0.39 -25.30
N ALA D 29 19.34 1.28 -25.69
CA ALA D 29 20.04 1.10 -26.96
C ALA D 29 20.89 -0.17 -26.94
N GLN D 30 21.52 -0.47 -25.79
CA GLN D 30 22.29 -1.69 -25.68
C GLN D 30 21.43 -2.93 -25.85
N GLN D 31 20.15 -2.84 -25.46
CA GLN D 31 19.22 -3.95 -25.57
C GLN D 31 18.49 -3.99 -26.90
N GLY D 32 18.97 -3.25 -27.90
CA GLY D 32 18.47 -3.35 -29.25
C GLY D 32 17.40 -2.36 -29.64
N ALA D 33 17.03 -1.45 -28.74
CA ALA D 33 15.98 -0.49 -29.05
C ALA D 33 16.53 0.70 -29.81
N LYS D 34 15.67 1.35 -30.58
CA LYS D 34 15.94 2.65 -31.16
C LYS D 34 15.28 3.70 -30.26
N VAL D 35 16.07 4.70 -29.86
CA VAL D 35 15.67 5.63 -28.81
C VAL D 35 15.43 7.00 -29.42
N ILE D 36 14.33 7.63 -29.01
CA ILE D 36 14.02 9.01 -29.34
C ILE D 36 14.17 9.81 -28.06
N ILE D 37 15.18 10.68 -28.00
CA ILE D 37 15.40 11.53 -26.84
C ILE D 37 14.64 12.83 -27.06
N VAL D 38 13.78 13.19 -26.11
CA VAL D 38 13.04 14.43 -26.13
C VAL D 38 13.45 15.24 -24.90
N ASP D 39 14.00 16.42 -25.13
CA ASP D 39 14.43 17.30 -24.05
C ASP D 39 14.24 18.74 -24.50
N LEU D 40 14.72 19.69 -23.69
CA LEU D 40 14.43 21.10 -23.95
C LEU D 40 15.31 21.66 -25.05
N ASP D 41 16.58 21.26 -25.11
CA ASP D 41 17.55 21.81 -26.04
C ASP D 41 17.73 20.85 -27.21
N LEU D 42 17.48 21.33 -28.43
CA LEU D 42 17.60 20.48 -29.61
C LEU D 42 19.01 19.96 -29.78
N ALA D 43 20.00 20.86 -29.78
CA ALA D 43 21.38 20.43 -30.00
C ALA D 43 21.81 19.40 -28.97
N GLN D 44 21.47 19.62 -27.69
CA GLN D 44 21.84 18.68 -26.65
C GLN D 44 21.16 17.33 -26.88
N SER D 45 19.87 17.36 -27.24
CA SER D 45 19.15 16.11 -27.49
C SER D 45 19.73 15.37 -28.69
N GLN D 46 20.01 16.09 -29.78
CA GLN D 46 20.58 15.45 -30.96
C GLN D 46 21.93 14.82 -30.63
N ASN D 47 22.79 15.57 -29.93
CA ASN D 47 24.12 15.04 -29.60
C ASN D 47 24.01 13.82 -28.70
N ALA D 48 23.08 13.83 -27.75
CA ALA D 48 22.89 12.66 -26.89
C ALA D 48 22.44 11.46 -27.70
N ALA D 49 21.57 11.69 -28.69
CA ALA D 49 21.10 10.58 -29.52
C ALA D 49 22.22 9.98 -30.35
N LYS D 50 23.10 10.83 -30.90
CA LYS D 50 24.22 10.30 -31.69
C LYS D 50 25.18 9.51 -30.82
N ALA D 51 25.37 9.94 -29.58
CA ALA D 51 26.27 9.23 -28.68
C ALA D 51 25.79 7.81 -28.40
N LEU D 52 24.47 7.60 -28.43
CA LEU D 52 23.94 6.26 -28.22
C LEU D 52 24.46 5.29 -29.28
N GLY D 53 24.43 5.72 -30.55
CA GLY D 53 24.86 4.87 -31.64
C GLY D 53 24.25 5.30 -32.96
N GLU D 54 23.79 4.34 -33.75
CA GLU D 54 23.22 4.60 -35.05
C GLU D 54 21.72 4.35 -35.02
N GLY D 55 20.96 5.18 -35.71
CA GLY D 55 19.53 5.00 -35.85
C GLY D 55 18.68 5.65 -34.78
N HIS D 56 19.27 6.49 -33.93
CA HIS D 56 18.55 7.17 -32.87
C HIS D 56 18.19 8.59 -33.29
N MET D 57 17.33 9.22 -32.49
CA MET D 57 16.81 10.54 -32.84
C MET D 57 16.74 11.41 -31.59
N GLY D 58 17.10 12.69 -31.77
CA GLY D 58 16.96 13.66 -30.71
C GLY D 58 16.04 14.80 -31.12
N LEU D 59 15.04 15.10 -30.29
CA LEU D 59 14.06 16.13 -30.57
C LEU D 59 13.97 17.09 -29.39
N ALA D 60 13.46 18.28 -29.66
CA ALA D 60 13.29 19.32 -28.65
C ALA D 60 11.82 19.56 -28.40
N ALA D 61 11.43 19.57 -27.13
CA ALA D 61 10.05 19.84 -26.77
C ALA D 61 9.95 20.03 -25.27
N ASN D 62 9.17 21.04 -24.87
CA ASN D 62 8.74 21.18 -23.48
C ASN D 62 7.54 20.26 -23.27
N VAL D 63 7.72 19.23 -22.44
CA VAL D 63 6.68 18.23 -22.27
C VAL D 63 5.37 18.85 -21.79
N ALA D 64 5.43 20.05 -21.21
CA ALA D 64 4.24 20.76 -20.77
C ALA D 64 3.65 21.65 -21.86
N ASN D 65 4.16 21.56 -23.09
CA ASN D 65 3.68 22.36 -24.21
C ASN D 65 3.06 21.41 -25.23
N GLU D 66 1.73 21.46 -25.34
CA GLU D 66 1.03 20.51 -26.20
C GLU D 66 1.51 20.60 -27.65
N GLU D 67 1.70 21.82 -28.16
CA GLU D 67 2.10 21.99 -29.55
C GLU D 67 3.47 21.37 -29.80
N GLN D 68 4.43 21.64 -28.92
CA GLN D 68 5.78 21.11 -29.12
C GLN D 68 5.80 19.59 -28.98
N VAL D 69 5.02 19.04 -28.06
CA VAL D 69 4.97 17.59 -27.90
C VAL D 69 4.38 16.94 -29.15
N LYS D 70 3.29 17.51 -29.67
CA LYS D 70 2.67 16.96 -30.88
C LYS D 70 3.64 16.96 -32.04
N ALA D 71 4.40 18.05 -32.21
CA ALA D 71 5.37 18.10 -33.31
C ALA D 71 6.45 17.05 -33.14
N ALA D 72 6.93 16.85 -31.91
CA ALA D 72 7.99 15.88 -31.67
C ALA D 72 7.50 14.45 -31.92
N VAL D 73 6.31 14.12 -31.41
CA VAL D 73 5.80 12.77 -31.60
C VAL D 73 5.52 12.50 -33.07
N GLU D 74 4.99 13.50 -33.78
CA GLU D 74 4.74 13.34 -35.20
C GLU D 74 6.03 13.06 -35.97
N GLN D 75 7.10 13.79 -35.66
CA GLN D 75 8.38 13.54 -36.31
C GLN D 75 8.89 12.14 -36.01
N ALA D 76 8.71 11.67 -34.77
CA ALA D 76 9.17 10.34 -34.41
C ALA D 76 8.37 9.27 -35.14
N LEU D 77 7.06 9.44 -35.23
CA LEU D 77 6.22 8.44 -35.91
C LEU D 77 6.48 8.43 -37.41
N GLN D 78 6.72 9.61 -38.00
CA GLN D 78 7.01 9.67 -39.43
C GLN D 78 8.28 8.90 -39.78
N HIS D 79 9.26 8.89 -38.88
CA HIS D 79 10.53 8.22 -39.14
C HIS D 79 10.50 6.74 -38.75
N TYR D 80 9.98 6.43 -37.57
CA TYR D 80 9.96 5.06 -37.08
C TYR D 80 8.65 4.33 -37.32
N GLY D 81 7.56 5.05 -37.54
CA GLY D 81 6.27 4.45 -37.80
C GLY D 81 5.56 3.91 -36.58
N LYS D 82 6.24 3.84 -35.43
CA LYS D 82 5.63 3.31 -34.23
C LYS D 82 6.43 3.78 -33.02
N ILE D 83 5.77 3.78 -31.86
CA ILE D 83 6.42 4.00 -30.58
C ILE D 83 5.94 2.90 -29.64
N ASP D 84 6.83 1.95 -29.34
CA ASP D 84 6.45 0.82 -28.49
C ASP D 84 6.51 1.18 -27.01
N ILE D 85 7.44 2.05 -26.63
CA ILE D 85 7.74 2.35 -25.24
C ILE D 85 7.78 3.86 -25.04
N LEU D 86 7.23 4.32 -23.92
CA LEU D 86 7.31 5.71 -23.53
C LEU D 86 7.82 5.78 -22.10
N ILE D 87 8.93 6.48 -21.89
CA ILE D 87 9.49 6.69 -20.56
C ILE D 87 9.30 8.16 -20.23
N ASN D 88 8.34 8.47 -19.36
CA ASN D 88 8.08 9.84 -18.93
C ASN D 88 9.04 10.17 -17.79
N ASN D 89 10.29 10.44 -18.16
CA ASN D 89 11.33 10.69 -17.18
C ASN D 89 11.54 12.17 -16.88
N ALA D 90 11.11 13.07 -17.77
CA ALA D 90 11.29 14.49 -17.54
C ALA D 90 10.66 14.90 -16.21
N GLY D 91 11.40 15.69 -15.44
CA GLY D 91 10.94 16.14 -14.14
C GLY D 91 11.92 17.09 -13.49
N ILE D 92 11.42 18.02 -12.68
CA ILE D 92 12.27 18.95 -11.94
C ILE D 92 11.88 18.88 -10.46
N THR D 93 12.79 19.34 -9.62
CA THR D 93 12.59 19.37 -8.18
C THR D 93 12.99 20.74 -7.64
N GLN D 94 12.50 21.05 -6.44
CA GLN D 94 12.81 22.29 -5.76
C GLN D 94 12.82 22.02 -4.27
N PRO D 95 13.89 22.37 -3.55
CA PRO D 95 13.94 22.13 -2.09
C PRO D 95 13.38 23.30 -1.28
N ILE D 96 12.11 23.60 -1.51
CA ILE D 96 11.42 24.69 -0.81
C ILE D 96 10.31 24.09 0.05
N LYS D 97 10.14 24.64 1.25
CA LYS D 97 9.23 24.08 2.22
C LYS D 97 7.80 24.60 2.00
N THR D 98 6.86 24.01 2.75
CA THR D 98 5.44 24.21 2.51
C THR D 98 5.09 25.69 2.39
N LEU D 99 5.42 26.49 3.41
CA LEU D 99 4.95 27.87 3.46
C LEU D 99 5.66 28.77 2.46
N ASP D 100 6.71 28.29 1.79
CA ASP D 100 7.46 29.08 0.83
C ASP D 100 7.09 28.79 -0.61
N ILE D 101 6.19 27.83 -0.85
CA ILE D 101 5.82 27.46 -2.22
C ILE D 101 4.92 28.55 -2.79
N GLN D 102 5.36 29.18 -3.88
CA GLN D 102 4.57 30.19 -4.58
C GLN D 102 3.88 29.57 -5.79
N ARG D 103 2.95 30.34 -6.36
CA ARG D 103 2.18 29.86 -7.51
C ARG D 103 3.10 29.40 -8.63
N SER D 104 4.14 30.17 -8.94
CA SER D 104 5.05 29.82 -10.02
C SER D 104 5.87 28.58 -9.69
N ASP D 105 6.21 28.37 -8.42
CA ASP D 105 6.91 27.15 -8.04
C ASP D 105 6.03 25.93 -8.22
N TYR D 106 4.80 26.00 -7.72
CA TYR D 106 3.82 24.95 -7.92
C TYR D 106 3.64 24.64 -9.40
N ASP D 107 3.44 25.68 -10.22
CA ASP D 107 3.17 25.47 -11.63
C ASP D 107 4.35 24.81 -12.34
N ARG D 108 5.56 25.31 -12.09
CA ARG D 108 6.74 24.76 -12.77
C ARG D 108 6.92 23.28 -12.44
N VAL D 109 6.86 22.93 -11.16
CA VAL D 109 7.13 21.56 -10.74
C VAL D 109 6.02 20.63 -11.22
N LEU D 110 4.77 21.03 -11.04
CA LEU D 110 3.66 20.19 -11.48
C LEU D 110 3.62 20.06 -13.00
N ASP D 111 4.00 21.11 -13.73
CA ASP D 111 3.89 21.08 -15.19
C ASP D 111 4.80 20.03 -15.79
N VAL D 112 6.05 19.95 -15.34
CA VAL D 112 7.01 19.04 -15.96
C VAL D 112 6.63 17.59 -15.65
N SER D 113 6.40 17.28 -14.38
CA SER D 113 6.14 15.89 -14.00
C SER D 113 4.71 15.47 -14.33
N LEU D 114 3.71 16.19 -13.82
CA LEU D 114 2.34 15.72 -13.95
C LEU D 114 1.75 16.09 -15.30
N ARG D 115 1.66 17.39 -15.61
CA ARG D 115 1.08 17.78 -16.90
C ARG D 115 1.90 17.20 -18.05
N GLY D 116 3.22 17.16 -17.90
CA GLY D 116 4.06 16.60 -18.96
C GLY D 116 3.79 15.13 -19.19
N THR D 117 3.63 14.36 -18.12
CA THR D 117 3.30 12.95 -18.27
C THR D 117 1.95 12.78 -18.98
N LEU D 118 0.98 13.65 -18.64
CA LEU D 118 -0.32 13.58 -19.30
C LEU D 118 -0.21 13.92 -20.78
N ILE D 119 0.44 15.03 -21.11
CA ILE D 119 0.49 15.49 -22.49
C ILE D 119 1.27 14.50 -23.35
N MET D 120 2.42 14.04 -22.87
CA MET D 120 3.20 13.08 -23.65
CA MET D 120 3.21 13.06 -23.63
C MET D 120 2.44 11.77 -23.83
N SER D 121 1.77 11.29 -22.78
CA SER D 121 0.99 10.07 -22.89
C SER D 121 -0.16 10.24 -23.87
N GLN D 122 -0.88 11.35 -23.76
CA GLN D 122 -1.96 11.62 -24.71
C GLN D 122 -1.47 11.56 -26.15
N ALA D 123 -0.24 12.03 -26.39
CA ALA D 123 0.26 12.12 -27.77
C ALA D 123 0.69 10.77 -28.32
N VAL D 124 1.07 9.83 -27.46
CA VAL D 124 1.64 8.56 -27.91
C VAL D 124 0.60 7.45 -27.85
N ILE D 125 -0.39 7.59 -26.96
CA ILE D 125 -1.37 6.51 -26.77
C ILE D 125 -2.10 6.19 -28.06
N PRO D 126 -2.55 7.17 -28.86
CA PRO D 126 -3.27 6.81 -30.10
C PRO D 126 -2.51 5.85 -30.99
N SER D 127 -1.21 6.07 -31.19
CA SER D 127 -0.42 5.16 -32.01
C SER D 127 -0.27 3.80 -31.34
N MET D 128 -0.07 3.78 -30.02
CA MET D 128 0.04 2.51 -29.31
C MET D 128 -1.24 1.69 -29.44
N LYS D 129 -2.40 2.34 -29.29
CA LYS D 129 -3.66 1.63 -29.41
C LYS D 129 -3.84 1.06 -30.81
N ALA D 130 -3.40 1.82 -31.82
CA ALA D 130 -3.53 1.34 -33.20
C ALA D 130 -2.54 0.22 -33.51
N ASN D 131 -1.36 0.24 -32.88
CA ASN D 131 -0.33 -0.74 -33.14
C ASN D 131 -0.43 -1.97 -32.23
N GLY D 132 -1.49 -2.08 -31.44
CA GLY D 132 -1.75 -3.28 -30.67
C GLY D 132 -1.23 -3.27 -29.25
N GLY D 133 -0.74 -2.15 -28.74
CA GLY D 133 -0.34 -2.06 -27.37
C GLY D 133 0.98 -1.33 -27.22
N GLY D 134 1.48 -1.29 -25.99
CA GLY D 134 2.72 -0.59 -25.70
C GLY D 134 2.98 -0.61 -24.21
N SER D 135 4.05 0.09 -23.82
CA SER D 135 4.45 0.15 -22.41
C SER D 135 4.82 1.58 -22.08
N ILE D 136 4.16 2.15 -21.06
CA ILE D 136 4.43 3.50 -20.58
C ILE D 136 4.97 3.39 -19.17
N VAL D 137 6.13 4.00 -18.94
CA VAL D 137 6.77 4.05 -17.63
C VAL D 137 6.78 5.49 -17.16
N CYS D 138 6.27 5.71 -15.95
CA CYS D 138 6.22 7.05 -15.35
C CYS D 138 7.21 7.10 -14.19
N LEU D 139 7.83 8.27 -14.03
CA LEU D 139 8.84 8.46 -12.99
C LEU D 139 8.20 9.20 -11.82
N SER D 140 8.01 8.48 -10.72
CA SER D 140 7.54 9.09 -9.48
C SER D 140 8.72 9.25 -8.53
N SER D 141 8.49 9.08 -7.23
CA SER D 141 9.56 9.24 -6.26
C SER D 141 9.13 8.64 -4.94
N VAL D 142 10.11 8.16 -4.18
CA VAL D 142 9.84 7.73 -2.81
C VAL D 142 9.25 8.88 -2.00
N SER D 143 9.58 10.12 -2.37
CA SER D 143 9.01 11.27 -1.69
C SER D 143 7.49 11.30 -1.80
N ALA D 144 6.94 10.79 -2.90
CA ALA D 144 5.50 10.71 -3.06
C ALA D 144 4.87 9.73 -2.08
N GLN D 145 5.64 8.74 -1.62
CA GLN D 145 5.13 7.70 -0.74
C GLN D 145 5.34 8.03 0.74
N ARG D 146 6.54 8.51 1.09
CA ARG D 146 6.90 8.72 2.48
C ARG D 146 6.67 10.16 2.94
N GLY D 147 6.29 11.05 2.04
CA GLY D 147 6.09 12.44 2.40
C GLY D 147 7.38 13.23 2.42
N GLY D 148 8.11 13.20 1.30
CA GLY D 148 9.30 14.02 1.18
C GLY D 148 10.34 13.66 2.21
N GLY D 149 11.02 14.68 2.73
CA GLY D 149 12.08 14.48 3.69
C GLY D 149 13.43 14.13 3.09
N ILE D 150 13.54 14.11 1.76
CA ILE D 150 14.80 13.80 1.08
C ILE D 150 15.42 15.06 0.50
N PHE D 151 14.75 15.68 -0.48
CA PHE D 151 15.26 16.92 -1.07
C PHE D 151 14.10 17.76 -1.60
N GLY D 152 13.27 17.18 -2.45
CA GLY D 152 12.17 17.93 -3.03
C GLY D 152 11.14 18.34 -1.98
N GLY D 153 10.55 19.52 -2.20
CA GLY D 153 9.56 20.04 -1.30
C GLY D 153 8.21 19.38 -1.48
N PRO D 154 7.24 19.80 -0.65
CA PRO D 154 5.92 19.17 -0.69
C PRO D 154 5.22 19.25 -2.03
N HIS D 155 5.46 20.31 -2.81
CA HIS D 155 4.88 20.36 -4.15
C HIS D 155 5.52 19.33 -5.07
N TYR D 156 6.79 19.00 -4.85
CA TYR D 156 7.41 17.90 -5.59
C TYR D 156 6.80 16.57 -5.18
N SER D 157 6.63 16.34 -3.87
CA SER D 157 5.97 15.14 -3.40
C SER D 157 4.57 15.03 -3.98
N ALA D 158 3.84 16.14 -4.03
CA ALA D 158 2.49 16.12 -4.59
C ALA D 158 2.52 15.81 -6.08
N ALA D 159 3.43 16.45 -6.82
CA ALA D 159 3.52 16.21 -8.26
C ALA D 159 3.79 14.74 -8.54
N LYS D 160 4.76 14.16 -7.85
CA LYS D 160 5.13 12.77 -8.09
C LYS D 160 4.06 11.80 -7.59
N ALA D 161 3.32 12.19 -6.54
CA ALA D 161 2.16 11.39 -6.14
C ALA D 161 1.05 11.50 -7.18
N GLY D 162 0.85 12.69 -7.75
CA GLY D 162 -0.12 12.83 -8.82
C GLY D 162 0.22 11.97 -10.02
N VAL D 163 1.51 11.84 -10.33
CA VAL D 163 1.95 10.98 -11.42
C VAL D 163 1.46 9.55 -11.18
N LEU D 164 1.57 9.07 -9.93
CA LEU D 164 1.12 7.71 -9.62
C LEU D 164 -0.38 7.56 -9.87
N GLY D 165 -1.17 8.53 -9.42
CA GLY D 165 -2.60 8.47 -9.65
C GLY D 165 -2.95 8.48 -11.13
N LEU D 166 -2.28 9.35 -11.90
CA LEU D 166 -2.51 9.39 -13.34
C LEU D 166 -2.11 8.07 -13.99
N ALA D 167 -0.93 7.54 -13.64
CA ALA D 167 -0.46 6.30 -14.24
C ALA D 167 -1.43 5.15 -13.95
N LYS D 168 -1.90 5.06 -12.71
CA LYS D 168 -2.85 4.00 -12.38
C LYS D 168 -4.15 4.16 -13.16
N ALA D 169 -4.63 5.40 -13.30
CA ALA D 169 -5.87 5.63 -14.03
C ALA D 169 -5.72 5.28 -15.51
N MET D 170 -4.57 5.61 -16.10
CA MET D 170 -4.35 5.24 -17.50
C MET D 170 -4.16 3.74 -17.65
N ALA D 171 -3.52 3.09 -16.67
CA ALA D 171 -3.38 1.64 -16.70
C ALA D 171 -4.76 0.97 -16.77
N ARG D 172 -5.70 1.44 -15.96
CA ARG D 172 -7.03 0.84 -15.93
C ARG D 172 -7.79 1.15 -17.22
N GLU D 173 -7.67 2.39 -17.73
CA GLU D 173 -8.44 2.76 -18.92
C GLU D 173 -7.98 1.98 -20.15
N PHE D 174 -6.67 1.80 -20.30
CA PHE D 174 -6.11 1.25 -21.53
C PHE D 174 -5.60 -0.18 -21.39
N GLY D 175 -5.96 -0.87 -20.30
CA GLY D 175 -5.57 -2.26 -20.16
C GLY D 175 -6.10 -3.13 -21.29
N GLY D 176 -7.36 -2.91 -21.68
CA GLY D 176 -7.94 -3.66 -22.78
C GLY D 176 -7.25 -3.42 -24.11
N ASP D 177 -6.55 -2.30 -24.24
CA ASP D 177 -5.76 -2.00 -25.43
C ASP D 177 -4.33 -2.53 -25.33
N GLN D 178 -4.01 -3.26 -24.26
CA GLN D 178 -2.66 -3.81 -24.06
C GLN D 178 -1.61 -2.71 -23.97
N ILE D 179 -2.01 -1.56 -23.44
CA ILE D 179 -1.07 -0.47 -23.14
C ILE D 179 -0.82 -0.54 -21.64
N ARG D 180 0.33 -1.10 -21.26
CA ARG D 180 0.70 -1.19 -19.86
C ARG D 180 1.24 0.14 -19.37
N VAL D 181 0.83 0.53 -18.17
CA VAL D 181 1.25 1.80 -17.57
C VAL D 181 1.69 1.50 -16.15
N ASN D 182 2.98 1.72 -15.88
CA ASN D 182 3.57 1.45 -14.58
C ASN D 182 4.44 2.63 -14.17
N SER D 183 4.79 2.66 -12.89
CA SER D 183 5.52 3.78 -12.32
C SER D 183 6.75 3.28 -11.56
N LEU D 184 7.79 4.10 -11.58
CA LEU D 184 8.98 3.88 -10.78
C LEU D 184 9.01 4.90 -9.64
N THR D 185 9.40 4.44 -8.45
CA THR D 185 9.54 5.30 -7.27
C THR D 185 10.98 5.20 -6.78
N PRO D 186 11.91 5.90 -7.42
CA PRO D 186 13.30 5.82 -6.99
C PRO D 186 13.52 6.47 -5.65
N GLY D 187 14.51 5.95 -4.91
CA GLY D 187 14.92 6.55 -3.66
C GLY D 187 15.91 7.67 -3.90
N LEU D 188 16.99 7.70 -3.13
CA LEU D 188 18.03 8.70 -3.29
C LEU D 188 19.01 8.20 -4.35
N ILE D 189 18.99 8.82 -5.52
CA ILE D 189 19.80 8.42 -6.65
C ILE D 189 20.89 9.45 -6.86
N GLN D 190 22.05 8.99 -7.32
CA GLN D 190 23.19 9.87 -7.60
C GLN D 190 23.07 10.34 -9.05
N THR D 191 22.63 11.59 -9.23
CA THR D 191 22.50 12.17 -10.56
C THR D 191 23.08 13.59 -10.58
N HIS D 204 24.78 11.83 4.30
CA HIS D 204 25.27 10.80 5.22
C HIS D 204 24.14 10.25 6.08
N ASP D 205 23.36 11.16 6.69
CA ASP D 205 22.28 10.73 7.57
C ASP D 205 21.25 9.90 6.81
N ILE D 206 20.94 10.28 5.58
CA ILE D 206 20.01 9.49 4.77
C ILE D 206 20.62 8.13 4.45
N LEU D 207 21.93 8.10 4.22
CA LEU D 207 22.60 6.83 3.91
C LEU D 207 22.45 5.84 5.05
N ALA D 208 22.48 6.32 6.30
CA ALA D 208 22.34 5.43 7.44
C ALA D 208 20.99 4.74 7.48
N GLY D 209 19.97 5.31 6.84
CA GLY D 209 18.65 4.71 6.80
C GLY D 209 18.40 3.82 5.61
N ILE D 210 19.42 3.49 4.84
CA ILE D 210 19.28 2.64 3.65
C ILE D 210 19.87 1.28 4.00
N PRO D 211 19.05 0.22 4.09
CA PRO D 211 19.59 -1.10 4.45
C PRO D 211 20.72 -1.59 3.56
N LEU D 212 20.66 -1.34 2.25
CA LEU D 212 21.72 -1.80 1.36
C LEU D 212 22.99 -0.96 1.47
N GLY D 213 22.97 0.12 2.24
CA GLY D 213 24.18 0.83 2.58
C GLY D 213 24.82 1.63 1.47
N ARG D 214 24.07 1.98 0.43
CA ARG D 214 24.59 2.82 -0.62
C ARG D 214 23.45 3.62 -1.23
N LEU D 215 23.82 4.69 -1.94
CA LEU D 215 22.84 5.43 -2.71
C LEU D 215 22.56 4.71 -4.03
N GLY D 216 21.42 5.02 -4.62
CA GLY D 216 21.08 4.45 -5.90
C GLY D 216 21.89 5.05 -7.02
N LYS D 217 22.01 4.27 -8.10
CA LYS D 217 22.68 4.71 -9.32
C LYS D 217 21.63 4.95 -10.39
N ALA D 218 21.95 5.87 -11.30
CA ALA D 218 21.07 6.09 -12.44
C ALA D 218 20.81 4.79 -13.18
N GLN D 219 21.81 3.91 -13.24
CA GLN D 219 21.66 2.62 -13.91
C GLN D 219 20.67 1.71 -13.18
N ASP D 220 20.56 1.84 -11.86
CA ASP D 220 19.58 1.06 -11.12
C ASP D 220 18.16 1.39 -11.58
N VAL D 221 17.85 2.67 -11.70
CA VAL D 221 16.52 3.07 -12.16
C VAL D 221 16.33 2.68 -13.63
N ALA D 222 17.38 2.84 -14.44
CA ALA D 222 17.31 2.46 -15.84
C ALA D 222 17.00 0.97 -15.99
N ASN D 223 17.61 0.13 -15.14
CA ASN D 223 17.36 -1.30 -15.22
C ASN D 223 15.93 -1.64 -14.83
N ALA D 224 15.35 -0.91 -13.88
CA ALA D 224 13.94 -1.08 -13.56
C ALA D 224 13.05 -0.65 -14.71
N ALA D 225 13.42 0.45 -15.39
CA ALA D 225 12.67 0.88 -16.55
C ALA D 225 12.75 -0.15 -17.68
N LEU D 226 13.92 -0.77 -17.84
CA LEU D 226 14.07 -1.82 -18.84
C LEU D 226 13.12 -2.98 -18.55
N PHE D 227 13.07 -3.42 -17.30
CA PHE D 227 12.15 -4.50 -16.93
C PHE D 227 10.71 -4.14 -17.30
N LEU D 228 10.27 -2.94 -16.93
CA LEU D 228 8.89 -2.54 -17.19
C LEU D 228 8.63 -2.29 -18.66
N ALA D 229 9.65 -1.89 -19.42
CA ALA D 229 9.48 -1.66 -20.85
C ALA D 229 9.50 -2.95 -21.65
N SER D 230 10.19 -3.97 -21.14
CA SER D 230 10.39 -5.22 -21.86
C SER D 230 9.22 -6.18 -21.66
N ASP D 231 9.24 -7.27 -22.42
CA ASP D 231 8.23 -8.32 -22.29
C ASP D 231 8.38 -9.12 -21.01
N LEU D 232 9.46 -8.91 -20.23
CA LEU D 232 9.59 -9.57 -18.95
C LEU D 232 8.51 -9.13 -17.97
N SER D 233 7.80 -8.03 -18.25
CA SER D 233 6.75 -7.50 -17.38
C SER D 233 5.41 -7.43 -18.11
N ALA D 234 5.19 -8.35 -19.04
CA ALA D 234 4.00 -8.28 -19.91
C ALA D 234 2.70 -8.35 -19.12
N TYR D 235 2.71 -8.89 -17.91
CA TYR D 235 1.50 -9.02 -17.11
C TYR D 235 1.45 -7.98 -15.98
N LEU D 236 2.27 -6.94 -16.06
CA LEU D 236 2.31 -5.89 -15.05
C LEU D 236 1.70 -4.61 -15.62
N THR D 237 0.70 -4.09 -14.93
CA THR D 237 0.17 -2.77 -15.24
C THR D 237 -0.42 -2.18 -13.96
N GLY D 238 -0.31 -0.86 -13.83
CA GLY D 238 -0.71 -0.20 -12.61
C GLY D 238 0.22 -0.43 -11.45
N VAL D 239 1.43 -0.91 -11.70
CA VAL D 239 2.37 -1.27 -10.65
C VAL D 239 3.21 -0.05 -10.28
N THR D 240 3.51 0.07 -8.99
CA THR D 240 4.47 1.05 -8.49
C THR D 240 5.69 0.26 -8.01
N LEU D 241 6.80 0.39 -8.73
CA LEU D 241 8.00 -0.40 -8.48
C LEU D 241 9.01 0.47 -7.72
N ASP D 242 9.26 0.12 -6.46
CA ASP D 242 10.17 0.87 -5.61
C ASP D 242 11.62 0.53 -5.97
N VAL D 243 12.44 1.57 -6.11
CA VAL D 243 13.87 1.41 -6.35
C VAL D 243 14.62 2.29 -5.36
N ASN D 244 14.63 1.88 -4.09
CA ASN D 244 15.10 2.75 -3.01
C ASN D 244 16.04 2.05 -2.04
N GLY D 245 16.53 0.85 -2.37
CA GLY D 245 17.51 0.16 -1.54
C GLY D 245 17.02 -0.19 -0.16
N GLY D 246 15.71 -0.21 0.05
CA GLY D 246 15.15 -0.47 1.37
C GLY D 246 14.90 0.77 2.19
N MET D 247 15.18 1.96 1.66
CA MET D 247 14.91 3.20 2.39
C MET D 247 13.47 3.26 2.85
N LEU D 248 12.54 2.75 2.04
CA LEU D 248 11.14 2.64 2.41
C LEU D 248 10.70 1.20 2.15
N ILE D 249 10.48 0.46 3.23
CA ILE D 249 9.86 -0.85 3.18
C ILE D 249 8.46 -0.71 3.76
N HIS D 250 7.46 -1.13 3.01
CA HIS D 250 6.07 -0.93 3.41
C HIS D 250 5.18 -2.04 2.89
#